data_5JJ5
#
_entry.id   5JJ5
#
_cell.length_a   77.809
_cell.length_b   73.844
_cell.length_c   87.161
_cell.angle_alpha   90.00
_cell.angle_beta   115.79
_cell.angle_gamma   90.00
#
_symmetry.space_group_name_H-M   'P 1 21 1'
#
loop_
_entity.id
_entity.type
_entity.pdbx_description
1 polymer 'ABC transporter substrate-binding protein-iron transport'
2 non-polymer 'FE (III) ION'
3 non-polymer (8E)-6,17,28-trihydroxy-1,6,12,17,23,28-hexaazacyclotritriacont-8-ene-2,5,13,16,24,27-hexone
4 non-polymer 'CHLORIDE ION'
5 non-polymer GLYCEROL
6 water water
#
_entity_poly.entity_id   1
_entity_poly.type   'polypeptide(L)'
_entity_poly.pdbx_seq_one_letter_code
;GHAPDKIVLDHAFGQTILDKKPERVATIAWGNHDVALALGIVPVGFSKANYGVSADKGVLPWTEEKIKELNGKANLFDDL
DGLNFEAISNSKPDVILAGYSGITKEDYDTLSKIAPVAAYKSKPWQTLWRDMIKIDSKALGMEKEGDELIKNTEARISKE
LEKHPEIKGKIKGKKVLFTMINAADTSKFWIYTSKDPRANYLTDLGLVFPESLKEFESEDSFAKEISAEEANKINDADVI
ITYGDDKTLEALQKDPLLGKINAIKNGAVAVIPDNTPLAASCTPTPLSINYTIEEYLNLLGNACKNAK
;
_entity_poly.pdbx_strand_id   A,B
#
loop_
_chem_comp.id
_chem_comp.type
_chem_comp.name
_chem_comp.formula
6L0 non-polymer (8E)-6,17,28-trihydroxy-1,6,12,17,23,28-hexaazacyclotritriacont-8-ene-2,5,13,16,24,27-hexone 'C27 H46 N6 O9'
CL non-polymer 'CHLORIDE ION' 'Cl -1'
FE non-polymer 'FE (III) ION' 'Fe 3'
GOL non-polymer GLYCEROL 'C3 H8 O3'
#
# COMPACT_ATOMS: atom_id res chain seq x y z
N GLY A 1 -12.33 10.72 47.35
CA GLY A 1 -11.06 11.36 47.02
C GLY A 1 -11.24 12.59 46.15
N HIS A 2 -10.14 13.21 45.76
CA HIS A 2 -10.18 14.41 44.92
C HIS A 2 -10.24 14.05 43.44
N ALA A 3 -11.23 14.61 42.75
CA ALA A 3 -11.42 14.38 41.32
C ALA A 3 -10.62 15.38 40.48
N PRO A 4 -10.13 14.95 39.32
CA PRO A 4 -9.37 15.82 38.42
C PRO A 4 -10.18 17.04 37.95
N ASP A 5 -9.51 18.15 37.70
CA ASP A 5 -10.16 19.35 37.18
C ASP A 5 -10.59 19.13 35.73
N LYS A 6 -11.39 20.06 35.21
CA LYS A 6 -11.85 19.96 33.83
C LYS A 6 -10.72 20.29 32.86
N ILE A 7 -10.83 19.76 31.65
CA ILE A 7 -9.78 19.92 30.64
C ILE A 7 -10.24 20.86 29.53
N VAL A 8 -9.50 21.94 29.32
CA VAL A 8 -9.84 22.89 28.27
C VAL A 8 -8.84 22.82 27.12
N LEU A 9 -9.31 22.39 25.96
CA LEU A 9 -8.47 22.28 24.77
C LEU A 9 -8.74 23.42 23.80
N ASP A 10 -7.72 24.21 23.52
CA ASP A 10 -7.83 25.26 22.51
C ASP A 10 -7.23 24.78 21.19
N HIS A 11 -8.08 24.61 20.19
CA HIS A 11 -7.63 24.09 18.90
C HIS A 11 -8.13 24.96 17.75
N ALA A 12 -7.96 24.45 16.53
CA ALA A 12 -8.23 25.22 15.32
C ALA A 12 -9.71 25.50 15.11
N PHE A 13 -10.57 24.68 15.69
CA PHE A 13 -12.01 24.83 15.50
C PHE A 13 -12.69 25.45 16.72
N GLY A 14 -11.89 26.02 17.60
CA GLY A 14 -12.42 26.65 18.79
C GLY A 14 -11.91 26.04 20.07
N GLN A 15 -12.82 25.48 20.86
CA GLN A 15 -12.47 24.98 22.18
C GLN A 15 -13.23 23.69 22.54
N THR A 16 -12.52 22.77 23.17
CA THR A 16 -13.11 21.51 23.62
C THR A 16 -12.93 21.33 25.13
N ILE A 17 -14.03 21.03 25.83
CA ILE A 17 -13.98 20.88 27.28
C ILE A 17 -14.34 19.46 27.73
N LEU A 18 -13.44 18.85 28.49
CA LEU A 18 -13.69 17.56 29.13
C LEU A 18 -13.78 17.71 30.65
N ASP A 19 -14.80 17.11 31.25
CA ASP A 19 -15.00 17.24 32.68
C ASP A 19 -14.35 16.12 33.50
N LYS A 20 -13.93 15.07 32.80
CA LYS A 20 -13.23 13.97 33.46
C LYS A 20 -12.29 13.26 32.50
N LYS A 21 -11.38 12.46 33.05
CA LYS A 21 -10.51 11.62 32.24
C LYS A 21 -11.35 10.60 31.49
N PRO A 22 -11.25 10.60 30.16
CA PRO A 22 -12.04 9.67 29.33
C PRO A 22 -11.59 8.22 29.50
N GLU A 23 -12.53 7.33 29.79
CA GLU A 23 -12.20 5.91 29.92
C GLU A 23 -12.23 5.22 28.56
N ARG A 24 -13.15 5.66 27.71
CA ARG A 24 -13.31 5.07 26.37
C ARG A 24 -12.76 6.02 25.32
N VAL A 25 -11.65 5.64 24.71
CA VAL A 25 -10.93 6.54 23.81
C VAL A 25 -10.93 6.07 22.36
N ALA A 26 -11.45 6.93 21.49
CA ALA A 26 -11.34 6.71 20.05
C ALA A 26 -10.33 7.67 19.47
N THR A 27 -9.61 7.22 18.45
CA THR A 27 -8.69 8.11 17.75
C THR A 27 -8.94 7.97 16.25
N ILE A 28 -8.56 9.00 15.50
CA ILE A 28 -8.69 8.96 14.05
C ILE A 28 -7.40 9.41 13.40
N ALA A 29 -7.40 9.44 12.07
CA ALA A 29 -6.25 9.84 11.27
C ALA A 29 -5.02 9.03 11.64
N TRP A 30 -3.87 9.70 11.69
CA TRP A 30 -2.59 9.02 11.78
C TRP A 30 -1.89 9.24 13.12
N GLY A 31 -1.40 8.14 13.70
CA GLY A 31 -0.49 8.20 14.82
C GLY A 31 -1.08 8.48 16.20
N ASN A 32 -2.23 9.13 16.24
CA ASN A 32 -2.82 9.55 17.52
C ASN A 32 -3.07 8.37 18.45
N HIS A 33 -3.35 7.20 17.88
CA HIS A 33 -3.57 6.00 18.68
C HIS A 33 -2.30 5.56 19.37
N ASP A 34 -1.15 5.83 18.76
CA ASP A 34 0.13 5.47 19.36
C ASP A 34 0.42 6.30 20.61
N VAL A 35 -0.08 7.53 20.64
CA VAL A 35 0.09 8.37 21.82
C VAL A 35 -0.68 7.77 22.99
N ALA A 36 -1.91 7.35 22.73
CA ALA A 36 -2.75 6.71 23.74
C ALA A 36 -2.12 5.40 24.19
N LEU A 37 -1.64 4.62 23.23
CA LEU A 37 -1.02 3.33 23.52
C LEU A 37 0.27 3.49 24.32
N ALA A 38 1.09 4.47 23.93
CA ALA A 38 2.34 4.73 24.65
C ALA A 38 2.05 5.18 26.09
N LEU A 39 0.86 5.72 26.31
CA LEU A 39 0.45 6.13 27.64
C LEU A 39 -0.26 5.00 28.37
N GLY A 40 -0.31 3.82 27.75
CA GLY A 40 -0.87 2.64 28.39
C GLY A 40 -2.37 2.50 28.27
N ILE A 41 -2.94 3.10 27.23
CA ILE A 41 -4.37 3.02 27.01
C ILE A 41 -4.69 2.37 25.66
N VAL A 42 -5.49 1.31 25.70
CA VAL A 42 -5.95 0.67 24.47
C VAL A 42 -7.23 1.33 23.99
N PRO A 43 -7.18 1.95 22.80
CA PRO A 43 -8.35 2.64 22.26
C PRO A 43 -9.52 1.69 21.98
N VAL A 44 -10.75 2.18 22.20
CA VAL A 44 -11.93 1.40 21.87
C VAL A 44 -12.14 1.37 20.35
N GLY A 45 -11.29 2.10 19.63
CA GLY A 45 -11.33 2.09 18.18
C GLY A 45 -10.37 3.10 17.58
N PHE A 46 -9.68 2.72 16.51
CA PHE A 46 -8.83 3.65 15.80
C PHE A 46 -8.76 3.33 14.31
N SER A 47 -8.32 4.32 13.54
CA SER A 47 -8.32 4.23 12.08
C SER A 47 -7.33 3.20 11.55
N LYS A 48 -7.71 2.52 10.48
CA LYS A 48 -6.80 1.64 9.77
C LYS A 48 -5.65 2.45 9.20
N ALA A 49 -4.44 1.91 9.26
CA ALA A 49 -3.30 2.55 8.64
C ALA A 49 -3.44 2.46 7.13
N ASN A 50 -3.35 3.59 6.46
CA ASN A 50 -3.50 3.63 5.00
C ASN A 50 -2.15 3.64 4.31
N TYR A 51 -1.09 3.34 5.05
CA TYR A 51 0.27 3.35 4.51
C TYR A 51 1.20 2.49 5.36
N GLY A 52 2.04 1.69 4.71
CA GLY A 52 3.05 0.92 5.40
C GLY A 52 2.69 -0.53 5.66
N VAL A 53 1.40 -0.84 5.56
CA VAL A 53 0.93 -2.22 5.71
C VAL A 53 -0.21 -2.51 4.73
N SER A 54 -0.47 -3.79 4.48
CA SER A 54 -1.59 -4.17 3.63
C SER A 54 -2.90 -3.72 4.26
N ALA A 55 -3.88 -3.39 3.42
CA ALA A 55 -5.19 -2.96 3.89
C ALA A 55 -5.87 -4.06 4.70
N ASP A 56 -5.55 -5.31 4.37
CA ASP A 56 -6.07 -6.47 5.09
C ASP A 56 -5.72 -6.42 6.57
N LYS A 57 -4.44 -6.18 6.86
CA LYS A 57 -3.98 -6.10 8.24
C LYS A 57 -4.38 -4.75 8.87
N GLY A 58 -3.94 -3.66 8.26
CA GLY A 58 -4.38 -2.33 8.65
C GLY A 58 -3.75 -1.77 9.91
N VAL A 59 -2.84 -2.51 10.52
CA VAL A 59 -2.19 -2.05 11.75
C VAL A 59 -0.67 -2.19 11.66
N LEU A 60 0.03 -1.13 12.04
CA LEU A 60 1.48 -1.11 11.99
C LEU A 60 2.09 -1.93 13.13
N PRO A 61 3.28 -2.50 12.92
CA PRO A 61 3.89 -3.45 13.85
C PRO A 61 4.10 -2.92 15.27
N TRP A 62 4.64 -1.71 15.41
CA TRP A 62 4.86 -1.15 16.74
C TRP A 62 3.54 -0.94 17.47
N THR A 63 2.51 -0.57 16.70
CA THR A 63 1.18 -0.38 17.25
C THR A 63 0.61 -1.70 17.76
N GLU A 64 0.75 -2.74 16.94
CA GLU A 64 0.23 -4.05 17.30
C GLU A 64 0.99 -4.64 18.47
N GLU A 65 2.30 -4.37 18.53
CA GLU A 65 3.15 -4.90 19.58
C GLU A 65 2.73 -4.37 20.95
N LYS A 66 2.49 -3.06 21.02
CA LYS A 66 2.11 -2.42 22.27
C LYS A 66 0.75 -2.91 22.75
N ILE A 67 -0.15 -3.14 21.80
CA ILE A 67 -1.50 -3.59 22.12
C ILE A 67 -1.48 -4.95 22.80
N LYS A 68 -0.67 -5.87 22.29
CA LYS A 68 -0.57 -7.20 22.87
C LYS A 68 0.15 -7.17 24.21
N GLU A 69 1.05 -6.21 24.39
CA GLU A 69 1.75 -6.07 25.66
C GLU A 69 0.82 -5.45 26.71
N LEU A 70 -0.26 -4.85 26.25
CA LEU A 70 -1.28 -4.31 27.16
C LEU A 70 -2.44 -5.28 27.32
N ASN A 71 -2.28 -6.49 26.77
CA ASN A 71 -3.31 -7.52 26.80
C ASN A 71 -4.63 -7.06 26.20
N GLY A 72 -4.56 -6.12 25.26
CA GLY A 72 -5.74 -5.62 24.60
C GLY A 72 -5.88 -6.20 23.21
N LYS A 73 -6.83 -5.67 22.46
CA LYS A 73 -7.04 -6.10 21.08
C LYS A 73 -7.25 -4.86 20.21
N ALA A 74 -6.86 -4.96 18.95
CA ALA A 74 -6.99 -3.84 18.03
C ALA A 74 -8.39 -3.78 17.43
N ASN A 75 -9.12 -2.71 17.75
CA ASN A 75 -10.41 -2.46 17.13
CA ASN A 75 -10.41 -2.46 17.12
C ASN A 75 -10.27 -1.41 16.03
N LEU A 76 -10.27 -1.86 14.79
CA LEU A 76 -10.02 -0.97 13.66
C LEU A 76 -11.31 -0.40 13.06
N PHE A 77 -11.29 0.90 12.80
CA PHE A 77 -12.36 1.54 12.03
C PHE A 77 -12.15 1.23 10.56
N ASP A 78 -13.19 0.77 9.89
CA ASP A 78 -13.13 0.60 8.44
C ASP A 78 -13.29 1.96 7.78
N ASP A 79 -12.22 2.75 7.77
CA ASP A 79 -12.29 4.11 7.28
C ASP A 79 -11.14 4.49 6.36
N LEU A 80 -10.71 3.54 5.53
CA LEU A 80 -9.67 3.81 4.55
C LEU A 80 -10.12 4.80 3.49
N ASP A 81 -11.43 4.85 3.26
CA ASP A 81 -12.00 5.72 2.24
C ASP A 81 -12.44 7.06 2.82
N GLY A 82 -12.28 7.21 4.13
CA GLY A 82 -12.71 8.43 4.81
C GLY A 82 -13.41 8.09 6.11
N LEU A 83 -13.64 9.11 6.93
CA LEU A 83 -14.20 8.94 8.29
C LEU A 83 -15.46 8.07 8.31
N ASN A 84 -15.44 7.07 9.18
CA ASN A 84 -16.57 6.16 9.37
C ASN A 84 -17.34 6.55 10.62
N PHE A 85 -18.24 7.53 10.48
CA PHE A 85 -18.91 8.15 11.61
C PHE A 85 -19.75 7.17 12.43
N GLU A 86 -20.37 6.19 11.75
CA GLU A 86 -21.18 5.20 12.43
C GLU A 86 -20.32 4.31 13.31
N ALA A 87 -19.19 3.85 12.76
CA ALA A 87 -18.28 2.98 13.49
C ALA A 87 -17.71 3.68 14.71
N ILE A 88 -17.46 4.97 14.59
CA ILE A 88 -17.00 5.77 15.71
C ILE A 88 -18.09 5.85 16.78
N SER A 89 -19.33 6.06 16.35
CA SER A 89 -20.47 6.10 17.28
C SER A 89 -20.61 4.80 18.05
N ASN A 90 -20.52 3.68 17.34
CA ASN A 90 -20.70 2.36 17.95
C ASN A 90 -19.66 2.05 19.01
N SER A 91 -18.50 2.69 18.93
CA SER A 91 -17.44 2.46 19.92
C SER A 91 -17.75 3.16 21.24
N LYS A 92 -18.75 4.05 21.20
CA LYS A 92 -19.17 4.82 22.36
C LYS A 92 -18.02 5.51 23.08
N PRO A 93 -17.28 6.38 22.38
CA PRO A 93 -16.11 7.01 23.01
C PRO A 93 -16.47 8.18 23.89
N ASP A 94 -15.59 8.50 24.84
CA ASP A 94 -15.74 9.69 25.66
C ASP A 94 -14.89 10.84 25.11
N VAL A 95 -13.96 10.50 24.22
CA VAL A 95 -13.11 11.50 23.57
C VAL A 95 -12.66 10.99 22.21
N ILE A 96 -12.44 11.91 21.27
CA ILE A 96 -11.92 11.56 19.96
C ILE A 96 -10.60 12.31 19.69
N LEU A 97 -9.52 11.56 19.59
CA LEU A 97 -8.19 12.16 19.40
C LEU A 97 -7.89 12.38 17.92
N ALA A 98 -7.54 13.62 17.59
CA ALA A 98 -7.22 13.99 16.22
C ALA A 98 -6.17 15.09 16.17
N GLY A 99 -5.27 15.08 17.15
CA GLY A 99 -4.24 16.09 17.27
C GLY A 99 -3.41 16.20 16.00
N TYR A 100 -3.16 15.04 15.38
CA TYR A 100 -2.56 14.99 14.06
C TYR A 100 -3.60 14.45 13.10
N SER A 101 -4.17 15.35 12.30
CA SER A 101 -5.24 14.98 11.38
C SER A 101 -5.46 16.03 10.31
N GLY A 102 -6.35 15.73 9.38
CA GLY A 102 -6.68 16.66 8.31
C GLY A 102 -8.17 16.93 8.24
N ILE A 103 -8.87 16.72 9.35
CA ILE A 103 -10.31 16.90 9.40
C ILE A 103 -10.72 18.32 9.02
N THR A 104 -11.91 18.44 8.44
CA THR A 104 -12.47 19.73 8.08
C THR A 104 -13.37 20.24 9.19
N LYS A 105 -13.87 21.46 9.04
CA LYS A 105 -14.84 22.03 9.97
C LYS A 105 -16.07 21.16 10.03
N GLU A 106 -16.50 20.69 8.86
CA GLU A 106 -17.66 19.81 8.75
C GLU A 106 -17.41 18.51 9.51
N ASP A 107 -16.22 17.95 9.35
CA ASP A 107 -15.82 16.74 10.08
C ASP A 107 -15.86 16.96 11.58
N TYR A 108 -15.28 18.06 12.03
CA TYR A 108 -15.21 18.38 13.45
C TYR A 108 -16.60 18.46 14.08
N ASP A 109 -17.52 19.11 13.39
CA ASP A 109 -18.87 19.31 13.91
C ASP A 109 -19.60 17.99 14.11
N THR A 110 -19.48 17.10 13.13
CA THR A 110 -20.12 15.79 13.21
C THR A 110 -19.51 14.97 14.34
N LEU A 111 -18.18 14.98 14.41
CA LEU A 111 -17.46 14.23 15.44
C LEU A 111 -17.77 14.72 16.85
N SER A 112 -17.94 16.03 17.00
CA SER A 112 -18.21 16.62 18.30
C SER A 112 -19.59 16.22 18.83
N LYS A 113 -20.49 15.83 17.93
CA LYS A 113 -21.81 15.35 18.33
C LYS A 113 -21.69 13.95 18.94
N ILE A 114 -20.63 13.24 18.56
CA ILE A 114 -20.38 11.91 19.10
C ILE A 114 -19.66 11.99 20.43
N ALA A 115 -18.58 12.77 20.47
CA ALA A 115 -17.76 12.92 21.66
C ALA A 115 -16.84 14.13 21.50
N PRO A 116 -16.35 14.69 22.63
CA PRO A 116 -15.39 15.80 22.57
C PRO A 116 -14.18 15.48 21.70
N VAL A 117 -13.79 16.41 20.85
CA VAL A 117 -12.72 16.16 19.88
C VAL A 117 -11.47 16.98 20.16
N ALA A 118 -10.33 16.30 20.20
CA ALA A 118 -9.04 16.98 20.32
C ALA A 118 -8.48 17.21 18.92
N ALA A 119 -8.70 18.40 18.38
CA ALA A 119 -8.29 18.71 17.01
C ALA A 119 -6.89 19.29 16.98
N TYR A 120 -6.38 19.58 15.78
CA TYR A 120 -5.07 20.20 15.64
C TYR A 120 -5.15 21.70 15.93
N LYS A 121 -3.98 22.34 16.05
CA LYS A 121 -3.93 23.73 16.49
C LYS A 121 -4.06 24.75 15.35
N SER A 122 -3.54 24.42 14.17
CA SER A 122 -3.48 25.38 13.08
C SER A 122 -4.11 24.85 11.79
N LYS A 123 -3.28 24.29 10.92
CA LYS A 123 -3.70 23.83 9.61
C LYS A 123 -3.72 22.30 9.56
N PRO A 124 -4.48 21.73 8.60
CA PRO A 124 -4.50 20.28 8.44
C PRO A 124 -3.10 19.68 8.27
N TRP A 125 -2.86 18.56 8.95
CA TRP A 125 -1.61 17.81 8.84
C TRP A 125 -0.37 18.62 9.21
N GLN A 126 -0.56 19.71 9.95
CA GLN A 126 0.57 20.51 10.38
C GLN A 126 0.74 20.42 11.90
N THR A 127 1.07 19.21 12.35
CA THR A 127 1.35 18.97 13.76
C THR A 127 2.66 18.19 13.89
N LEU A 128 3.60 18.77 14.63
CA LEU A 128 4.87 18.10 14.88
C LEU A 128 4.70 17.06 15.97
N TRP A 129 5.56 16.05 16.01
CA TRP A 129 5.32 14.87 16.85
C TRP A 129 5.23 15.22 18.34
N ARG A 130 6.01 16.20 18.79
CA ARG A 130 5.92 16.66 20.17
C ARG A 130 4.56 17.26 20.45
N ASP A 131 4.09 18.10 19.52
CA ASP A 131 2.82 18.79 19.68
C ASP A 131 1.65 17.81 19.60
N MET A 132 1.85 16.72 18.87
CA MET A 132 0.84 15.68 18.75
C MET A 132 0.63 15.01 20.11
N ILE A 133 1.73 14.76 20.81
CA ILE A 133 1.67 14.21 22.15
C ILE A 133 1.02 15.19 23.12
N LYS A 134 1.41 16.45 23.03
CA LYS A 134 0.88 17.48 23.92
C LYS A 134 -0.64 17.59 23.81
N ILE A 135 -1.14 17.61 22.57
CA ILE A 135 -2.58 17.70 22.32
C ILE A 135 -3.30 16.44 22.81
N ASP A 136 -2.89 15.29 22.30
CA ASP A 136 -3.57 14.03 22.59
C ASP A 136 -3.51 13.63 24.06
N SER A 137 -2.36 13.84 24.71
CA SER A 137 -2.21 13.43 26.10
C SER A 137 -3.01 14.34 27.03
N LYS A 138 -3.15 15.61 26.65
CA LYS A 138 -3.94 16.55 27.44
C LYS A 138 -5.41 16.16 27.40
N ALA A 139 -5.86 15.74 26.23
CA ALA A 139 -7.25 15.33 26.06
C ALA A 139 -7.57 14.05 26.82
N LEU A 140 -6.54 13.27 27.10
CA LEU A 140 -6.71 12.02 27.85
C LEU A 140 -6.64 12.25 29.34
N GLY A 141 -6.44 13.51 29.74
CA GLY A 141 -6.27 13.85 31.15
C GLY A 141 -4.93 13.39 31.66
N MET A 142 -3.96 13.29 30.76
CA MET A 142 -2.63 12.81 31.10
C MET A 142 -1.56 13.77 30.57
N GLU A 143 -1.77 15.06 30.82
CA GLU A 143 -0.85 16.10 30.36
C GLU A 143 0.54 15.91 30.94
N LYS A 144 0.60 15.67 32.25
CA LYS A 144 1.86 15.45 32.93
C LYS A 144 2.58 14.22 32.40
N GLU A 145 1.85 13.12 32.23
CA GLU A 145 2.44 11.90 31.69
C GLU A 145 2.87 12.10 30.24
N GLY A 146 2.22 13.04 29.56
CA GLY A 146 2.56 13.36 28.18
C GLY A 146 3.89 14.09 28.10
N ASP A 147 4.12 15.02 29.01
CA ASP A 147 5.37 15.76 29.05
C ASP A 147 6.53 14.81 29.35
N GLU A 148 6.25 13.79 30.16
CA GLU A 148 7.25 12.78 30.46
C GLU A 148 7.45 11.82 29.28
N LEU A 149 6.40 11.63 28.49
CA LEU A 149 6.51 10.80 27.30
C LEU A 149 7.40 11.49 26.28
N ILE A 150 7.24 12.81 26.16
CA ILE A 150 8.08 13.62 25.27
C ILE A 150 9.53 13.55 25.71
N LYS A 151 9.75 13.72 27.01
CA LYS A 151 11.08 13.69 27.60
C LYS A 151 11.78 12.36 27.34
N ASN A 152 11.08 11.26 27.59
CA ASN A 152 11.63 9.93 27.39
C ASN A 152 11.84 9.61 25.91
N THR A 153 11.03 10.21 25.05
CA THR A 153 11.16 10.00 23.62
C THR A 153 12.37 10.76 23.08
N GLU A 154 12.51 12.01 23.52
CA GLU A 154 13.68 12.80 23.19
C GLU A 154 14.95 12.09 23.66
N ALA A 155 14.85 11.44 24.82
CA ALA A 155 15.97 10.71 25.38
C ALA A 155 16.33 9.49 24.53
N ARG A 156 15.31 8.80 24.02
CA ARG A 156 15.52 7.62 23.18
C ARG A 156 16.23 7.99 21.88
N ILE A 157 15.82 9.12 21.30
CA ILE A 157 16.46 9.64 20.10
C ILE A 157 17.93 9.92 20.36
N SER A 158 18.19 10.65 21.44
CA SER A 158 19.54 11.05 21.80
C SER A 158 20.43 9.83 22.06
N LYS A 159 19.92 8.86 22.81
CA LYS A 159 20.68 7.66 23.12
C LYS A 159 21.02 6.87 21.85
N GLU A 160 20.09 6.83 20.92
CA GLU A 160 20.31 6.08 19.67
C GLU A 160 21.42 6.71 18.83
N LEU A 161 21.44 8.04 18.78
CA LEU A 161 22.52 8.75 18.11
C LEU A 161 23.86 8.46 18.78
N GLU A 162 23.82 8.41 20.11
CA GLU A 162 25.02 8.15 20.91
C GLU A 162 25.54 6.72 20.66
N LYS A 163 24.63 5.80 20.38
CA LYS A 163 25.01 4.42 20.07
C LYS A 163 25.76 4.32 18.76
N HIS A 164 25.53 5.28 17.86
CA HIS A 164 26.20 5.27 16.56
C HIS A 164 26.98 6.57 16.30
N PRO A 165 28.11 6.73 17.00
CA PRO A 165 28.94 7.93 16.94
C PRO A 165 29.34 8.33 15.52
N GLU A 166 29.72 7.35 14.69
CA GLU A 166 30.10 7.63 13.31
C GLU A 166 28.94 8.22 12.52
N ILE A 167 27.77 7.62 12.67
CA ILE A 167 26.58 8.10 11.96
C ILE A 167 26.17 9.48 12.47
N LYS A 168 26.18 9.63 13.79
CA LYS A 168 25.82 10.90 14.41
C LYS A 168 26.67 12.04 13.88
N GLY A 169 27.99 11.82 13.82
CA GLY A 169 28.91 12.84 13.33
C GLY A 169 28.79 13.06 11.84
N LYS A 170 28.44 12.02 11.11
CA LYS A 170 28.35 12.08 9.66
C LYS A 170 27.17 12.93 9.20
N ILE A 171 26.05 12.80 9.91
CA ILE A 171 24.82 13.47 9.49
C ILE A 171 24.63 14.83 10.18
N LYS A 172 25.40 15.08 11.23
CA LYS A 172 25.30 16.32 11.98
C LYS A 172 25.59 17.54 11.12
N GLY A 173 24.63 18.45 11.03
CA GLY A 173 24.83 19.71 10.32
C GLY A 173 24.64 19.60 8.81
N LYS A 174 24.36 18.39 8.32
CA LYS A 174 24.08 18.19 6.91
C LYS A 174 22.76 18.83 6.54
N LYS A 175 22.74 19.52 5.40
CA LYS A 175 21.51 20.12 4.89
C LYS A 175 20.67 19.08 4.17
N VAL A 176 19.42 18.92 4.59
CA VAL A 176 18.58 17.85 4.08
C VAL A 176 17.23 18.36 3.58
N LEU A 177 16.70 17.70 2.56
CA LEU A 177 15.34 17.93 2.12
C LEU A 177 14.60 16.59 2.06
N PHE A 178 13.44 16.52 2.71
CA PHE A 178 12.57 15.37 2.54
C PHE A 178 11.67 15.64 1.35
N THR A 179 11.71 14.73 0.38
CA THR A 179 10.97 14.92 -0.86
C THR A 179 10.13 13.70 -1.22
N MET A 180 9.26 13.87 -2.22
CA MET A 180 8.65 12.73 -2.87
C MET A 180 8.91 12.83 -4.37
N ILE A 181 9.89 12.06 -4.84
CA ILE A 181 10.26 12.06 -6.25
C ILE A 181 9.90 10.73 -6.89
N ASN A 182 9.03 10.79 -7.88
CA ASN A 182 8.69 9.60 -8.66
C ASN A 182 9.58 9.51 -9.90
N ALA A 183 10.40 8.47 -9.96
CA ALA A 183 11.31 8.27 -11.08
C ALA A 183 10.57 8.05 -12.40
N ALA A 184 9.29 7.69 -12.31
CA ALA A 184 8.46 7.52 -13.49
C ALA A 184 8.13 8.87 -14.13
N ASP A 185 7.54 9.75 -13.35
CA ASP A 185 7.22 11.10 -13.81
C ASP A 185 8.05 12.13 -13.04
N THR A 186 9.20 12.49 -13.60
CA THR A 186 10.12 13.39 -12.93
C THR A 186 9.93 14.85 -13.33
N SER A 187 8.83 15.13 -14.02
CA SER A 187 8.55 16.49 -14.50
C SER A 187 8.30 17.45 -13.34
N LYS A 188 7.86 16.90 -12.21
CA LYS A 188 7.64 17.69 -11.01
C LYS A 188 7.65 16.78 -9.78
N PHE A 189 8.03 17.33 -8.64
CA PHE A 189 8.08 16.54 -7.41
C PHE A 189 7.74 17.39 -6.19
N TRP A 190 7.57 16.72 -5.06
CA TRP A 190 7.15 17.36 -3.82
C TRP A 190 8.33 17.62 -2.89
N ILE A 191 8.29 18.75 -2.19
CA ILE A 191 9.22 19.01 -1.11
C ILE A 191 8.44 19.32 0.16
N TYR A 192 8.72 18.59 1.22
CA TYR A 192 8.01 18.79 2.48
C TYR A 192 8.65 19.93 3.26
N THR A 193 7.82 20.84 3.75
CA THR A 193 8.30 22.03 4.44
C THR A 193 8.48 21.79 5.93
N SER A 194 9.00 22.79 6.62
CA SER A 194 9.30 22.66 8.05
C SER A 194 8.04 22.49 8.90
N LYS A 195 6.89 22.78 8.30
CA LYS A 195 5.61 22.60 9.00
C LYS A 195 5.23 21.12 9.07
N ASP A 196 5.88 20.30 8.23
CA ASP A 196 5.56 18.87 8.20
C ASP A 196 6.40 18.11 9.22
N PRO A 197 5.74 17.22 9.99
CA PRO A 197 6.41 16.48 11.05
C PRO A 197 7.53 15.57 10.57
N ARG A 198 7.47 15.12 9.32
CA ARG A 198 8.48 14.20 8.82
C ARG A 198 9.74 14.95 8.40
N ALA A 199 9.60 16.24 8.15
CA ALA A 199 10.76 17.08 7.89
C ALA A 199 11.37 17.55 9.21
N ASN A 200 10.52 18.03 10.13
CA ASN A 200 10.96 18.48 11.44
C ASN A 200 11.74 17.39 12.19
N TYR A 201 11.28 16.15 12.07
CA TYR A 201 11.92 15.01 12.72
C TYR A 201 13.41 14.90 12.36
N LEU A 202 13.76 15.32 11.16
CA LEU A 202 15.16 15.27 10.71
C LEU A 202 16.05 16.19 11.52
N THR A 203 15.49 17.31 11.98
CA THR A 203 16.25 18.24 12.80
C THR A 203 16.50 17.65 14.18
N ASP A 204 15.65 16.72 14.59
CA ASP A 204 15.84 16.01 15.86
C ASP A 204 17.01 15.04 15.76
N LEU A 205 17.29 14.61 14.53
CA LEU A 205 18.37 13.65 14.27
C LEU A 205 19.70 14.35 14.01
N GLY A 206 19.69 15.68 14.05
CA GLY A 206 20.91 16.45 13.93
C GLY A 206 21.11 17.16 12.61
N LEU A 207 20.27 16.85 11.62
CA LEU A 207 20.35 17.49 10.32
C LEU A 207 19.68 18.86 10.34
N VAL A 208 19.98 19.68 9.34
CA VAL A 208 19.35 21.00 9.22
C VAL A 208 18.74 21.19 7.83
N PHE A 209 17.92 22.22 7.70
CA PHE A 209 17.31 22.57 6.42
C PHE A 209 18.20 23.55 5.66
N PRO A 210 18.28 23.40 4.33
CA PRO A 210 19.00 24.40 3.52
C PRO A 210 18.20 25.69 3.46
N GLU A 211 18.87 26.80 3.13
CA GLU A 211 18.19 28.10 3.14
C GLU A 211 17.21 28.23 1.96
N SER A 212 17.33 27.35 0.98
CA SER A 212 16.43 27.38 -0.17
C SER A 212 15.02 26.95 0.20
N LEU A 213 14.89 26.21 1.29
CA LEU A 213 13.59 25.72 1.74
C LEU A 213 12.66 26.88 2.09
N LYS A 214 13.23 27.97 2.60
CA LYS A 214 12.47 29.14 3.00
C LYS A 214 11.60 29.70 1.87
N GLU A 215 12.08 29.56 0.64
CA GLU A 215 11.34 30.05 -0.51
C GLU A 215 10.04 29.27 -0.69
N PHE A 216 10.08 27.99 -0.37
CA PHE A 216 8.92 27.12 -0.51
C PHE A 216 8.09 27.08 0.77
N GLU A 217 8.65 27.62 1.84
CA GLU A 217 7.94 27.69 3.12
C GLU A 217 6.75 28.63 3.01
N SER A 218 5.60 28.20 3.49
CA SER A 218 4.40 29.04 3.50
C SER A 218 3.36 28.53 4.49
N GLU A 219 2.31 29.34 4.70
CA GLU A 219 1.21 28.99 5.58
C GLU A 219 0.27 27.99 4.91
N ASP A 220 0.31 27.96 3.59
CA ASP A 220 -0.55 27.10 2.78
C ASP A 220 -0.55 25.66 3.22
N SER A 221 0.61 25.02 3.15
CA SER A 221 0.67 23.58 3.35
C SER A 221 1.94 23.07 4.02
N PHE A 222 2.04 21.75 4.05
CA PHE A 222 3.15 21.04 4.64
C PHE A 222 4.11 20.59 3.55
N ALA A 223 3.67 20.73 2.31
CA ALA A 223 4.48 20.31 1.17
C ALA A 223 4.28 21.26 -0.02
N LYS A 224 5.33 21.39 -0.83
CA LYS A 224 5.29 22.26 -1.98
C LYS A 224 5.70 21.47 -3.23
N GLU A 225 4.93 21.63 -4.30
CA GLU A 225 5.24 20.95 -5.55
C GLU A 225 6.03 21.87 -6.46
N ILE A 226 7.24 21.48 -6.80
CA ILE A 226 8.07 22.30 -7.69
C ILE A 226 8.41 21.59 -8.99
N SER A 227 8.63 22.37 -10.04
CA SER A 227 8.95 21.83 -11.35
C SER A 227 10.40 21.35 -11.39
N ALA A 228 10.67 20.38 -12.26
CA ALA A 228 12.02 19.87 -12.44
C ALA A 228 12.93 20.94 -13.03
N GLU A 229 12.33 21.93 -13.69
CA GLU A 229 13.10 23.02 -14.27
C GLU A 229 13.63 23.96 -13.19
N GLU A 230 13.06 23.88 -12.00
CA GLU A 230 13.49 24.68 -10.86
CA GLU A 230 13.54 24.70 -10.89
C GLU A 230 14.34 23.85 -9.91
N ALA A 231 14.81 22.70 -10.39
CA ALA A 231 15.59 21.78 -9.56
C ALA A 231 16.90 22.39 -9.07
N ASN A 232 17.44 23.33 -9.85
CA ASN A 232 18.68 24.01 -9.50
C ASN A 232 18.57 24.73 -8.16
N LYS A 233 17.35 25.07 -7.76
CA LYS A 233 17.11 25.79 -6.51
C LYS A 233 17.49 24.98 -5.28
N ILE A 234 17.56 23.65 -5.40
CA ILE A 234 17.86 22.81 -4.25
C ILE A 234 19.25 22.17 -4.32
N ASN A 235 20.15 22.80 -5.09
CA ASN A 235 21.53 22.32 -5.16
C ASN A 235 22.29 22.52 -3.84
N ASP A 236 21.70 23.24 -2.90
CA ASP A 236 22.35 23.51 -1.63
C ASP A 236 22.07 22.43 -0.58
N ALA A 237 21.30 21.42 -0.96
CA ALA A 237 21.05 20.29 -0.07
C ALA A 237 22.20 19.28 -0.15
N ASP A 238 22.70 18.86 1.01
CA ASP A 238 23.74 17.84 1.06
C ASP A 238 23.14 16.46 0.77
N VAL A 239 21.96 16.22 1.33
CA VAL A 239 21.33 14.92 1.20
C VAL A 239 19.84 15.10 0.90
N ILE A 240 19.30 14.21 0.07
CA ILE A 240 17.89 14.23 -0.25
C ILE A 240 17.24 12.93 0.19
N ILE A 241 16.08 13.03 0.84
CA ILE A 241 15.32 11.85 1.24
C ILE A 241 14.05 11.72 0.41
N THR A 242 13.80 10.53 -0.13
CA THR A 242 12.59 10.28 -0.88
C THR A 242 12.12 8.84 -0.69
N TYR A 243 10.82 8.63 -0.83
CA TYR A 243 10.28 7.29 -0.89
C TYR A 243 10.65 6.69 -2.24
N GLY A 244 10.78 5.37 -2.30
CA GLY A 244 11.10 4.71 -3.55
C GLY A 244 11.50 3.25 -3.39
N ASP A 245 12.25 2.75 -4.35
CA ASP A 245 12.69 1.36 -4.33
C ASP A 245 14.14 1.23 -4.77
N ASP A 246 14.55 0.02 -5.11
CA ASP A 246 15.95 -0.26 -5.43
C ASP A 246 16.35 0.23 -6.81
N LYS A 247 15.40 0.79 -7.55
CA LYS A 247 15.68 1.32 -8.88
C LYS A 247 15.57 2.84 -8.94
N THR A 248 15.19 3.44 -7.82
CA THR A 248 14.93 4.88 -7.78
C THR A 248 16.19 5.71 -8.02
N LEU A 249 17.23 5.45 -7.25
CA LEU A 249 18.45 6.27 -7.32
C LEU A 249 19.08 6.29 -8.71
N GLU A 250 19.24 5.12 -9.30
CA GLU A 250 19.87 5.04 -10.63
C GLU A 250 19.01 5.76 -11.67
N ALA A 251 17.69 5.64 -11.54
CA ALA A 251 16.78 6.28 -12.49
C ALA A 251 16.88 7.81 -12.41
N LEU A 252 17.03 8.31 -11.19
CA LEU A 252 17.17 9.76 -10.97
C LEU A 252 18.52 10.26 -11.48
N GLN A 253 19.56 9.45 -11.27
CA GLN A 253 20.90 9.83 -11.71
C GLN A 253 20.99 9.88 -13.23
N LYS A 254 20.13 9.12 -13.90
CA LYS A 254 20.11 9.10 -15.36
C LYS A 254 19.12 10.11 -15.93
N ASP A 255 18.37 10.76 -15.06
CA ASP A 255 17.42 11.78 -15.49
C ASP A 255 18.17 13.03 -15.97
N PRO A 256 17.76 13.57 -17.14
CA PRO A 256 18.44 14.71 -17.74
C PRO A 256 18.44 15.96 -16.86
N LEU A 257 17.36 16.18 -16.13
CA LEU A 257 17.24 17.35 -15.26
C LEU A 257 17.64 17.05 -13.82
N LEU A 258 16.99 16.05 -13.23
CA LEU A 258 17.19 15.72 -11.83
C LEU A 258 18.59 15.16 -11.55
N GLY A 259 19.18 14.52 -12.56
CA GLY A 259 20.51 13.96 -12.42
C GLY A 259 21.59 15.01 -12.26
N LYS A 260 21.24 16.27 -12.49
CA LYS A 260 22.18 17.37 -12.38
C LYS A 260 22.23 17.91 -10.95
N ILE A 261 21.20 17.60 -10.17
CA ILE A 261 21.13 18.03 -8.78
C ILE A 261 22.28 17.41 -7.98
N ASN A 262 22.97 18.24 -7.20
CA ASN A 262 24.16 17.82 -6.47
C ASN A 262 24.00 16.52 -5.67
N ALA A 263 23.03 16.49 -4.77
CA ALA A 263 22.82 15.32 -3.91
C ALA A 263 22.55 14.06 -4.73
N ILE A 264 21.67 14.19 -5.72
CA ILE A 264 21.35 13.07 -6.60
C ILE A 264 22.57 12.62 -7.37
N LYS A 265 23.29 13.58 -7.93
CA LYS A 265 24.50 13.31 -8.69
C LYS A 265 25.56 12.63 -7.83
N ASN A 266 25.65 13.05 -6.57
CA ASN A 266 26.64 12.50 -5.64
C ASN A 266 26.23 11.16 -5.05
N GLY A 267 24.97 10.79 -5.24
CA GLY A 267 24.45 9.56 -4.66
C GLY A 267 24.06 9.74 -3.20
N ALA A 268 24.08 10.99 -2.75
CA ALA A 268 23.65 11.32 -1.39
C ALA A 268 22.14 11.36 -1.31
N VAL A 269 21.50 10.23 -1.60
CA VAL A 269 20.05 10.13 -1.55
C VAL A 269 19.65 8.98 -0.63
N ALA A 270 18.82 9.27 0.36
CA ALA A 270 18.27 8.23 1.20
C ALA A 270 16.93 7.78 0.63
N VAL A 271 16.90 6.56 0.10
CA VAL A 271 15.66 6.03 -0.46
C VAL A 271 14.94 5.19 0.58
N ILE A 272 13.78 5.66 1.02
CA ILE A 272 12.97 4.93 1.98
C ILE A 272 12.03 4.00 1.22
N PRO A 273 12.14 2.67 1.47
CA PRO A 273 11.29 1.67 0.82
C PRO A 273 9.82 2.00 1.00
N ASP A 274 9.16 2.42 -0.09
CA ASP A 274 7.79 2.87 -0.04
CA ASP A 274 7.79 2.88 -0.02
C ASP A 274 6.83 1.78 0.46
N ASN A 275 5.80 2.22 1.19
CA ASN A 275 4.75 1.35 1.70
C ASN A 275 5.26 0.23 2.61
N THR A 276 6.29 0.55 3.39
CA THR A 276 6.81 -0.36 4.42
C THR A 276 6.64 0.31 5.78
N PRO A 277 6.73 -0.47 6.86
CA PRO A 277 6.72 0.13 8.20
C PRO A 277 7.77 1.22 8.37
N LEU A 278 8.95 1.03 7.81
CA LEU A 278 10.00 2.04 7.90
C LEU A 278 9.54 3.35 7.28
N ALA A 279 8.93 3.25 6.09
CA ALA A 279 8.42 4.43 5.41
C ALA A 279 7.34 5.13 6.21
N ALA A 280 6.47 4.35 6.85
CA ALA A 280 5.36 4.90 7.60
C ALA A 280 5.84 5.61 8.86
N SER A 281 7.00 5.21 9.36
CA SER A 281 7.52 5.76 10.61
C SER A 281 8.13 7.14 10.43
N CYS A 282 8.28 7.58 9.18
CA CYS A 282 8.97 8.83 8.91
C CYS A 282 8.22 10.04 9.47
N THR A 283 6.89 9.93 9.57
CA THR A 283 6.11 10.85 10.40
C THR A 283 6.02 10.22 11.78
N PRO A 284 6.93 10.60 12.69
CA PRO A 284 7.17 9.84 13.91
C PRO A 284 6.06 9.90 14.96
N THR A 285 5.86 8.76 15.62
CA THR A 285 5.04 8.69 16.83
C THR A 285 5.96 8.16 17.92
N PRO A 286 5.59 8.32 19.19
CA PRO A 286 6.48 7.81 20.26
C PRO A 286 6.78 6.31 20.15
N LEU A 287 5.84 5.55 19.59
CA LEU A 287 6.04 4.12 19.40
C LEU A 287 6.90 3.79 18.19
N SER A 288 6.68 4.54 17.10
CA SER A 288 7.36 4.27 15.85
C SER A 288 8.86 4.58 15.96
N ILE A 289 9.17 5.67 16.63
CA ILE A 289 10.56 6.09 16.83
C ILE A 289 11.40 4.98 17.42
N ASN A 290 10.97 4.44 18.55
CA ASN A 290 11.69 3.37 19.21
C ASN A 290 11.87 2.13 18.33
N TYR A 291 10.92 1.94 17.40
CA TYR A 291 10.89 0.74 16.59
C TYR A 291 11.78 0.83 15.35
N THR A 292 12.01 2.04 14.86
CA THR A 292 12.62 2.20 13.54
C THR A 292 13.81 3.16 13.46
N ILE A 293 14.07 3.91 14.53
CA ILE A 293 15.07 4.97 14.47
C ILE A 293 16.46 4.45 14.11
N GLU A 294 16.78 3.23 14.54
CA GLU A 294 18.10 2.66 14.25
C GLU A 294 18.24 2.33 12.77
N GLU A 295 17.17 1.79 12.18
CA GLU A 295 17.15 1.48 10.76
C GLU A 295 17.13 2.77 9.94
N TYR A 296 16.43 3.78 10.44
CA TYR A 296 16.38 5.08 9.79
C TYR A 296 17.76 5.72 9.74
N LEU A 297 18.45 5.71 10.87
CA LEU A 297 19.78 6.32 10.98
C LEU A 297 20.78 5.65 10.05
N ASN A 298 20.61 4.36 9.84
CA ASN A 298 21.52 3.61 8.98
C ASN A 298 21.37 4.05 7.52
N LEU A 299 20.14 4.32 7.10
CA LEU A 299 19.89 4.85 5.76
C LEU A 299 20.46 6.27 5.61
N LEU A 300 20.13 7.13 6.56
CA LEU A 300 20.60 8.51 6.54
C LEU A 300 22.12 8.58 6.57
N GLY A 301 22.72 7.75 7.42
CA GLY A 301 24.17 7.70 7.55
C GLY A 301 24.83 7.31 6.24
N ASN A 302 24.30 6.29 5.58
CA ASN A 302 24.86 5.83 4.32
C ASN A 302 24.71 6.85 3.20
N ALA A 303 23.62 7.61 3.24
CA ALA A 303 23.40 8.66 2.26
C ALA A 303 24.36 9.83 2.48
N CYS A 304 24.64 10.13 3.74
CA CYS A 304 25.48 11.27 4.08
C CYS A 304 26.96 11.01 3.85
N LYS A 305 27.33 9.75 3.69
CA LYS A 305 28.70 9.39 3.37
C LYS A 305 29.04 9.87 1.95
N ASN A 306 28.03 9.94 1.10
CA ASN A 306 28.21 10.36 -0.28
C ASN A 306 28.14 11.88 -0.44
N ALA A 307 27.77 12.56 0.64
CA ALA A 307 27.67 14.02 0.62
C ALA A 307 29.07 14.64 0.68
N LYS A 308 29.30 15.63 -0.17
CA LYS A 308 30.58 16.32 -0.18
C LYS A 308 30.54 17.54 0.73
N ASP B 5 -23.69 -2.02 -33.90
CA ASP B 5 -24.50 -1.04 -33.18
C ASP B 5 -24.59 -1.39 -31.70
N LYS B 6 -25.48 -2.32 -31.36
CA LYS B 6 -25.65 -2.74 -29.97
C LYS B 6 -24.60 -3.75 -29.53
N ILE B 7 -24.44 -3.87 -28.21
CA ILE B 7 -23.53 -4.85 -27.63
C ILE B 7 -24.28 -5.70 -26.61
N VAL B 8 -24.29 -7.01 -26.83
CA VAL B 8 -24.96 -7.93 -25.91
C VAL B 8 -23.95 -8.80 -25.18
N LEU B 9 -24.01 -8.79 -23.85
CA LEU B 9 -23.09 -9.57 -23.03
C LEU B 9 -23.81 -10.64 -22.21
N ASP B 10 -23.35 -11.88 -22.30
CA ASP B 10 -23.85 -12.96 -21.46
C ASP B 10 -22.87 -13.23 -20.33
N HIS B 11 -23.34 -13.15 -19.09
CA HIS B 11 -22.48 -13.34 -17.93
C HIS B 11 -23.19 -14.16 -16.84
N ALA B 12 -22.60 -14.15 -15.65
CA ALA B 12 -23.11 -14.98 -14.56
C ALA B 12 -24.47 -14.53 -14.04
N PHE B 13 -24.80 -13.26 -14.24
CA PHE B 13 -26.04 -12.71 -13.70
C PHE B 13 -27.09 -12.50 -14.79
N GLY B 14 -26.82 -13.06 -15.96
CA GLY B 14 -27.79 -13.00 -17.04
C GLY B 14 -27.24 -12.35 -18.29
N GLN B 15 -27.86 -11.23 -18.67
CA GLN B 15 -27.51 -10.58 -19.93
C GLN B 15 -27.44 -9.06 -19.78
N THR B 16 -26.41 -8.47 -20.36
CA THR B 16 -26.26 -7.03 -20.38
C THR B 16 -26.30 -6.53 -21.82
N ILE B 17 -27.05 -5.45 -22.06
CA ILE B 17 -27.15 -4.87 -23.39
C ILE B 17 -26.75 -3.40 -23.39
N LEU B 18 -25.81 -3.05 -24.26
CA LEU B 18 -25.42 -1.66 -24.44
C LEU B 18 -25.96 -1.12 -25.78
N ASP B 19 -26.67 0.00 -25.70
CA ASP B 19 -27.32 0.58 -26.88
C ASP B 19 -26.30 1.06 -27.92
N LYS B 20 -25.09 1.36 -27.46
CA LYS B 20 -24.01 1.76 -28.36
C LYS B 20 -22.65 1.62 -27.68
N LYS B 21 -21.61 1.88 -28.44
CA LYS B 21 -20.24 1.87 -27.93
C LYS B 21 -20.09 2.89 -26.81
N PRO B 22 -19.73 2.44 -25.61
CA PRO B 22 -19.61 3.32 -24.45
C PRO B 22 -18.41 4.26 -24.54
N GLU B 23 -18.63 5.54 -24.28
CA GLU B 23 -17.56 6.53 -24.34
C GLU B 23 -16.95 6.74 -22.94
N ARG B 24 -17.81 6.85 -21.93
CA ARG B 24 -17.36 7.04 -20.56
C ARG B 24 -17.31 5.70 -19.82
N VAL B 25 -16.08 5.25 -19.54
CA VAL B 25 -15.88 3.92 -18.98
C VAL B 25 -15.51 3.94 -17.51
N ALA B 26 -16.27 3.23 -16.69
CA ALA B 26 -15.89 2.99 -15.30
C ALA B 26 -15.54 1.52 -15.12
N THR B 27 -14.58 1.24 -14.24
CA THR B 27 -14.26 -0.14 -13.91
C THR B 27 -14.23 -0.31 -12.40
N ILE B 28 -14.38 -1.55 -11.94
CA ILE B 28 -14.28 -1.84 -10.53
C ILE B 28 -13.41 -3.07 -10.30
N ALA B 29 -13.22 -3.42 -9.04
CA ALA B 29 -12.43 -4.57 -8.65
C ALA B 29 -11.01 -4.49 -9.21
N TRP B 30 -10.47 -5.63 -9.62
CA TRP B 30 -9.06 -5.72 -9.95
C TRP B 30 -8.80 -5.87 -11.45
N GLY B 31 -7.84 -5.09 -11.95
CA GLY B 31 -7.29 -5.31 -13.27
C GLY B 31 -8.08 -4.77 -14.46
N ASN B 32 -9.40 -4.68 -14.31
CA ASN B 32 -10.25 -4.32 -15.44
C ASN B 32 -9.89 -2.97 -16.06
N HIS B 33 -9.43 -2.04 -15.24
CA HIS B 33 -8.99 -0.74 -15.74
C HIS B 33 -7.74 -0.87 -16.63
N ASP B 34 -6.89 -1.86 -16.33
CA ASP B 34 -5.69 -2.08 -17.13
C ASP B 34 -6.04 -2.53 -18.54
N VAL B 35 -7.15 -3.23 -18.69
CA VAL B 35 -7.63 -3.63 -20.00
C VAL B 35 -8.06 -2.41 -20.80
N ALA B 36 -8.84 -1.56 -20.16
CA ALA B 36 -9.26 -0.30 -20.77
C ALA B 36 -8.05 0.53 -21.20
N LEU B 37 -7.10 0.68 -20.27
CA LEU B 37 -5.90 1.48 -20.53
C LEU B 37 -5.02 0.90 -21.63
N ALA B 38 -4.91 -0.43 -21.66
CA ALA B 38 -4.10 -1.09 -22.68
C ALA B 38 -4.73 -0.94 -24.06
N LEU B 39 -6.02 -0.58 -24.09
CA LEU B 39 -6.71 -0.33 -25.35
C LEU B 39 -6.79 1.16 -25.65
N GLY B 40 -6.09 1.96 -24.85
CA GLY B 40 -5.98 3.39 -25.10
C GLY B 40 -7.10 4.22 -24.49
N ILE B 41 -7.79 3.64 -23.51
CA ILE B 41 -8.93 4.32 -22.89
C ILE B 41 -8.69 4.60 -21.41
N VAL B 42 -8.75 5.88 -21.03
CA VAL B 42 -8.64 6.28 -19.64
C VAL B 42 -10.02 6.28 -18.99
N PRO B 43 -10.23 5.41 -18.00
CA PRO B 43 -11.52 5.32 -17.31
C PRO B 43 -11.93 6.64 -16.67
N VAL B 44 -13.22 6.93 -16.67
CA VAL B 44 -13.73 8.10 -15.96
C VAL B 44 -13.67 7.85 -14.45
N GLY B 45 -13.41 6.61 -14.08
CA GLY B 45 -13.25 6.24 -12.69
C GLY B 45 -12.94 4.76 -12.56
N PHE B 46 -12.06 4.42 -11.62
CA PHE B 46 -11.78 3.01 -11.35
C PHE B 46 -11.39 2.79 -9.89
N SER B 47 -11.47 1.54 -9.45
CA SER B 47 -11.27 1.21 -8.04
C SER B 47 -9.80 1.30 -7.64
N LYS B 48 -9.57 1.71 -6.40
CA LYS B 48 -8.24 1.68 -5.83
C LYS B 48 -7.74 0.25 -5.70
N ALA B 49 -6.46 0.05 -5.96
CA ALA B 49 -5.84 -1.25 -5.69
C ALA B 49 -5.70 -1.40 -4.19
N ASN B 50 -6.08 -2.56 -3.66
CA ASN B 50 -6.03 -2.79 -2.22
C ASN B 50 -4.82 -3.61 -1.80
N TYR B 51 -3.85 -3.73 -2.71
CA TYR B 51 -2.67 -4.55 -2.47
C TYR B 51 -1.56 -4.20 -3.46
N GLY B 52 -0.32 -4.22 -2.99
CA GLY B 52 0.82 -3.95 -3.85
C GLY B 52 1.19 -2.48 -3.91
N VAL B 53 0.35 -1.65 -3.29
CA VAL B 53 0.57 -0.21 -3.26
C VAL B 53 -0.20 0.34 -2.05
N SER B 54 0.21 1.49 -1.53
CA SER B 54 -0.45 2.07 -0.37
C SER B 54 -1.92 2.36 -0.63
N ALA B 55 -2.75 2.23 0.40
CA ALA B 55 -4.17 2.53 0.29
C ALA B 55 -4.37 3.99 -0.07
N ASP B 56 -3.49 4.85 0.45
CA ASP B 56 -3.50 6.28 0.14
C ASP B 56 -3.39 6.54 -1.35
N LYS B 57 -2.45 5.85 -2.00
CA LYS B 57 -2.21 6.00 -3.43
C LYS B 57 -3.27 5.24 -4.23
N GLY B 58 -3.29 3.93 -4.06
CA GLY B 58 -4.31 3.10 -4.68
C GLY B 58 -4.11 2.78 -6.16
N VAL B 59 -2.99 3.23 -6.71
CA VAL B 59 -2.70 2.96 -8.13
C VAL B 59 -1.36 2.28 -8.31
N LEU B 60 -1.37 1.14 -9.00
CA LEU B 60 -0.15 0.38 -9.27
C LEU B 60 0.70 1.10 -10.33
N PRO B 61 2.04 0.90 -10.29
CA PRO B 61 2.95 1.66 -11.14
C PRO B 61 2.71 1.51 -12.64
N TRP B 62 2.39 0.31 -13.11
CA TRP B 62 2.13 0.13 -14.53
C TRP B 62 0.84 0.82 -14.96
N THR B 63 -0.12 0.90 -14.03
CA THR B 63 -1.39 1.55 -14.29
C THR B 63 -1.20 3.05 -14.41
N GLU B 64 -0.46 3.62 -13.46
CA GLU B 64 -0.18 5.05 -13.43
C GLU B 64 0.66 5.47 -14.64
N GLU B 65 1.58 4.61 -15.04
CA GLU B 65 2.46 4.89 -16.17
C GLU B 65 1.67 5.00 -17.47
N LYS B 66 0.73 4.08 -17.67
CA LYS B 66 -0.07 4.07 -18.88
C LYS B 66 -1.01 5.29 -18.93
N ILE B 67 -1.52 5.68 -17.76
CA ILE B 67 -2.36 6.87 -17.67
C ILE B 67 -1.59 8.12 -18.10
N LYS B 68 -0.38 8.26 -17.58
CA LYS B 68 0.49 9.38 -17.96
C LYS B 68 0.82 9.33 -19.45
N GLU B 69 0.93 8.12 -19.97
CA GLU B 69 1.25 7.91 -21.38
C GLU B 69 0.10 8.41 -22.25
N LEU B 70 -1.12 8.21 -21.77
CA LEU B 70 -2.31 8.63 -22.51
C LEU B 70 -2.73 10.05 -22.15
N ASN B 71 -1.85 10.75 -21.44
CA ASN B 71 -2.06 12.15 -21.04
C ASN B 71 -3.38 12.35 -20.30
N GLY B 72 -3.76 11.36 -19.50
CA GLY B 72 -4.98 11.46 -18.73
C GLY B 72 -4.68 11.57 -17.25
N LYS B 73 -5.74 11.64 -16.44
CA LYS B 73 -5.58 11.70 -14.99
C LYS B 73 -6.29 10.52 -14.35
N ALA B 74 -5.79 10.10 -13.20
CA ALA B 74 -6.37 8.96 -12.50
C ALA B 74 -7.55 9.38 -11.65
N ASN B 75 -8.74 8.86 -11.96
CA ASN B 75 -9.92 9.11 -11.16
CA ASN B 75 -9.91 9.11 -11.13
C ASN B 75 -10.26 7.88 -10.31
N LEU B 76 -9.93 7.94 -9.02
CA LEU B 76 -10.11 6.79 -8.14
C LEU B 76 -11.42 6.81 -7.37
N PHE B 77 -12.05 5.63 -7.32
CA PHE B 77 -13.16 5.39 -6.41
C PHE B 77 -12.61 5.05 -5.04
N ASP B 78 -13.02 5.78 -4.02
CA ASP B 78 -12.66 5.43 -2.65
C ASP B 78 -13.52 4.26 -2.21
N ASP B 79 -13.11 3.06 -2.59
CA ASP B 79 -13.92 1.87 -2.35
C ASP B 79 -13.12 0.70 -1.75
N LEU B 80 -12.09 1.03 -0.99
CA LEU B 80 -11.31 0.00 -0.29
C LEU B 80 -12.15 -0.67 0.79
N ASP B 81 -13.04 0.09 1.41
CA ASP B 81 -13.92 -0.44 2.45
C ASP B 81 -15.15 -1.14 1.86
N GLY B 82 -15.28 -1.08 0.54
CA GLY B 82 -16.44 -1.63 -0.15
C GLY B 82 -16.90 -0.71 -1.26
N LEU B 83 -17.75 -1.22 -2.15
CA LEU B 83 -18.22 -0.44 -3.30
C LEU B 83 -18.77 0.93 -2.92
N ASN B 84 -18.31 1.96 -3.64
CA ASN B 84 -18.76 3.32 -3.42
C ASN B 84 -19.66 3.76 -4.56
N PHE B 85 -20.95 3.49 -4.42
CA PHE B 85 -21.91 3.70 -5.51
C PHE B 85 -22.07 5.16 -5.87
N GLU B 86 -22.03 6.04 -4.87
CA GLU B 86 -22.12 7.47 -5.13
C GLU B 86 -20.98 7.92 -6.04
N ALA B 87 -19.78 7.40 -5.78
CA ALA B 87 -18.61 7.75 -6.56
C ALA B 87 -18.72 7.24 -7.99
N ILE B 88 -19.23 6.02 -8.15
CA ILE B 88 -19.41 5.46 -9.47
C ILE B 88 -20.46 6.25 -10.24
N SER B 89 -21.54 6.59 -9.54
CA SER B 89 -22.64 7.35 -10.13
C SER B 89 -22.18 8.74 -10.59
N ASN B 90 -21.35 9.39 -9.77
CA ASN B 90 -20.88 10.74 -10.06
C ASN B 90 -19.95 10.80 -11.29
N SER B 91 -19.33 9.67 -11.62
CA SER B 91 -18.44 9.63 -12.79
C SER B 91 -19.26 9.54 -14.08
N LYS B 92 -20.56 9.33 -13.94
CA LYS B 92 -21.48 9.23 -15.07
C LYS B 92 -21.01 8.25 -16.15
N PRO B 93 -20.86 6.97 -15.78
CA PRO B 93 -20.31 5.98 -16.73
C PRO B 93 -21.34 5.55 -17.77
N ASP B 94 -20.87 5.06 -18.91
CA ASP B 94 -21.74 4.45 -19.91
C ASP B 94 -21.65 2.93 -19.80
N VAL B 95 -20.63 2.44 -19.12
CA VAL B 95 -20.43 1.02 -18.89
C VAL B 95 -19.62 0.82 -17.62
N ILE B 96 -19.81 -0.32 -16.95
CA ILE B 96 -19.00 -0.65 -15.79
C ILE B 96 -18.31 -2.00 -16.02
N LEU B 97 -16.98 -1.97 -16.15
CA LEU B 97 -16.22 -3.18 -16.42
C LEU B 97 -15.92 -3.94 -15.14
N ALA B 98 -16.29 -5.22 -15.11
CA ALA B 98 -16.10 -6.05 -13.94
C ALA B 98 -15.89 -7.51 -14.33
N GLY B 99 -15.21 -7.73 -15.44
CA GLY B 99 -14.99 -9.07 -15.98
C GLY B 99 -14.24 -9.95 -15.01
N TYR B 100 -13.32 -9.31 -14.28
CA TYR B 100 -12.63 -9.97 -13.18
C TYR B 100 -13.04 -9.29 -11.89
N SER B 101 -13.93 -9.93 -11.14
CA SER B 101 -14.48 -9.32 -9.93
C SER B 101 -15.14 -10.36 -9.03
N GLY B 102 -15.62 -9.91 -7.89
CA GLY B 102 -16.32 -10.79 -6.97
C GLY B 102 -17.68 -10.24 -6.57
N ILE B 103 -18.28 -9.44 -7.45
CA ILE B 103 -19.56 -8.81 -7.15
C ILE B 103 -20.65 -9.85 -6.89
N THR B 104 -21.57 -9.52 -6.01
CA THR B 104 -22.71 -10.38 -5.72
C THR B 104 -23.86 -10.05 -6.65
N LYS B 105 -24.93 -10.83 -6.53
CA LYS B 105 -26.16 -10.57 -7.28
C LYS B 105 -26.68 -9.17 -6.96
N GLU B 106 -26.69 -8.82 -5.68
CA GLU B 106 -27.16 -7.53 -5.24
C GLU B 106 -26.24 -6.42 -5.74
N ASP B 107 -24.94 -6.67 -5.71
CA ASP B 107 -23.96 -5.74 -6.28
C ASP B 107 -24.30 -5.47 -7.75
N TYR B 108 -24.52 -6.53 -8.50
CA TYR B 108 -24.82 -6.43 -9.93
C TYR B 108 -26.06 -5.58 -10.17
N ASP B 109 -27.12 -5.83 -9.40
CA ASP B 109 -28.39 -5.11 -9.56
C ASP B 109 -28.25 -3.62 -9.31
N THR B 110 -27.52 -3.27 -8.26
CA THR B 110 -27.33 -1.87 -7.90
C THR B 110 -26.45 -1.17 -8.93
N LEU B 111 -25.41 -1.86 -9.38
CA LEU B 111 -24.52 -1.31 -10.39
C LEU B 111 -25.23 -1.10 -11.72
N SER B 112 -26.10 -2.03 -12.07
CA SER B 112 -26.82 -1.98 -13.34
C SER B 112 -27.78 -0.79 -13.44
N LYS B 113 -28.21 -0.28 -12.29
CA LYS B 113 -29.05 0.90 -12.25
C LYS B 113 -28.27 2.13 -12.71
N ILE B 114 -26.96 2.10 -12.45
CA ILE B 114 -26.09 3.21 -12.82
C ILE B 114 -25.71 3.14 -14.30
N ALA B 115 -25.22 1.96 -14.72
CA ALA B 115 -24.78 1.73 -16.09
C ALA B 115 -24.70 0.23 -16.34
N PRO B 116 -24.82 -0.19 -17.61
CA PRO B 116 -24.64 -1.60 -17.99
C PRO B 116 -23.35 -2.19 -17.42
N VAL B 117 -23.45 -3.39 -16.86
CA VAL B 117 -22.31 -4.03 -16.19
C VAL B 117 -21.76 -5.22 -16.95
N ALA B 118 -20.47 -5.19 -17.24
CA ALA B 118 -19.79 -6.34 -17.82
C ALA B 118 -19.30 -7.25 -16.69
N ALA B 119 -20.07 -8.30 -16.40
CA ALA B 119 -19.77 -9.16 -15.26
C ALA B 119 -18.95 -10.38 -15.68
N TYR B 120 -18.48 -11.14 -14.70
CA TYR B 120 -17.75 -12.38 -14.96
C TYR B 120 -18.70 -13.46 -15.43
N LYS B 121 -18.15 -14.55 -15.95
CA LYS B 121 -18.94 -15.58 -16.61
C LYS B 121 -19.61 -16.57 -15.66
N SER B 122 -18.93 -16.96 -14.59
CA SER B 122 -19.45 -18.01 -13.73
C SER B 122 -19.40 -17.66 -12.24
N LYS B 123 -18.21 -17.80 -11.64
CA LYS B 123 -18.05 -17.63 -10.20
C LYS B 123 -17.16 -16.44 -9.87
N PRO B 124 -17.34 -15.85 -8.68
CA PRO B 124 -16.54 -14.69 -8.25
C PRO B 124 -15.04 -14.96 -8.31
N TRP B 125 -14.29 -14.03 -8.89
CA TRP B 125 -12.83 -14.07 -8.94
C TRP B 125 -12.29 -15.23 -9.78
N GLN B 126 -13.14 -15.86 -10.57
CA GLN B 126 -12.70 -16.93 -11.44
C GLN B 126 -12.67 -16.48 -12.90
N THR B 127 -11.74 -15.58 -13.21
CA THR B 127 -11.56 -15.11 -14.57
C THR B 127 -10.09 -15.07 -14.92
N LEU B 128 -9.69 -15.87 -15.90
CA LEU B 128 -8.31 -15.90 -16.36
C LEU B 128 -8.01 -14.63 -17.17
N TRP B 129 -6.74 -14.29 -17.31
CA TRP B 129 -6.38 -12.98 -17.84
C TRP B 129 -6.80 -12.80 -19.30
N ARG B 130 -6.78 -13.87 -20.09
CA ARG B 130 -7.26 -13.79 -21.47
C ARG B 130 -8.75 -13.49 -21.47
N ASP B 131 -9.49 -14.20 -20.62
CA ASP B 131 -10.94 -14.04 -20.55
C ASP B 131 -11.31 -12.65 -20.02
N MET B 132 -10.48 -12.12 -19.13
CA MET B 132 -10.70 -10.78 -18.60
C MET B 132 -10.66 -9.77 -19.74
N ILE B 133 -9.70 -9.93 -20.64
CA ILE B 133 -9.56 -9.06 -21.79
C ILE B 133 -10.74 -9.22 -22.75
N LYS B 134 -11.12 -10.46 -23.00
CA LYS B 134 -12.24 -10.74 -23.90
C LYS B 134 -13.53 -10.12 -23.39
N ILE B 135 -13.83 -10.31 -22.11
CA ILE B 135 -15.04 -9.76 -21.52
C ILE B 135 -15.04 -8.23 -21.55
N ASP B 136 -13.97 -7.65 -21.02
CA ASP B 136 -13.89 -6.20 -20.88
C ASP B 136 -13.82 -5.48 -22.22
N SER B 137 -13.08 -6.03 -23.18
CA SER B 137 -12.92 -5.36 -24.46
C SER B 137 -14.19 -5.49 -25.31
N LYS B 138 -14.90 -6.59 -25.14
CA LYS B 138 -16.19 -6.74 -25.83
C LYS B 138 -17.18 -5.69 -25.34
N ALA B 139 -17.17 -5.45 -24.04
CA ALA B 139 -18.08 -4.47 -23.45
C ALA B 139 -17.77 -3.05 -23.93
N LEU B 140 -16.55 -2.85 -24.44
CA LEU B 140 -16.14 -1.56 -24.95
C LEU B 140 -16.40 -1.46 -26.45
N GLY B 141 -16.81 -2.56 -27.06
CA GLY B 141 -17.03 -2.61 -28.49
C GLY B 141 -15.71 -2.67 -29.24
N MET B 142 -14.71 -3.25 -28.58
CA MET B 142 -13.37 -3.36 -29.13
C MET B 142 -12.86 -4.78 -29.03
N GLU B 143 -13.71 -5.73 -29.43
CA GLU B 143 -13.40 -7.14 -29.31
C GLU B 143 -12.17 -7.51 -30.15
N LYS B 144 -12.11 -7.00 -31.37
CA LYS B 144 -10.99 -7.31 -32.26
C LYS B 144 -9.69 -6.74 -31.70
N GLU B 145 -9.75 -5.52 -31.15
CA GLU B 145 -8.59 -4.92 -30.51
C GLU B 145 -8.17 -5.72 -29.30
N GLY B 146 -9.15 -6.28 -28.60
CA GLY B 146 -8.89 -7.14 -27.47
C GLY B 146 -8.09 -8.37 -27.88
N ASP B 147 -8.47 -8.95 -29.02
CA ASP B 147 -7.77 -10.10 -29.56
C ASP B 147 -6.33 -9.74 -29.94
N GLU B 148 -6.15 -8.57 -30.54
CA GLU B 148 -4.80 -8.08 -30.85
C GLU B 148 -3.97 -7.94 -29.58
N LEU B 149 -4.61 -7.42 -28.53
CA LEU B 149 -3.96 -7.19 -27.25
C LEU B 149 -3.48 -8.51 -26.65
N ILE B 150 -4.30 -9.54 -26.75
CA ILE B 150 -3.96 -10.86 -26.25
C ILE B 150 -2.76 -11.41 -27.01
N LYS B 151 -2.78 -11.29 -28.33
CA LYS B 151 -1.69 -11.79 -29.17
C LYS B 151 -0.37 -11.08 -28.86
N ASN B 152 -0.44 -9.77 -28.63
CA ASN B 152 0.75 -8.99 -28.33
C ASN B 152 1.30 -9.31 -26.94
N THR B 153 0.40 -9.62 -26.02
CA THR B 153 0.79 -10.00 -24.67
C THR B 153 1.48 -11.36 -24.68
N GLU B 154 0.90 -12.31 -25.41
CA GLU B 154 1.51 -13.62 -25.60
C GLU B 154 2.89 -13.50 -26.25
N ALA B 155 3.01 -12.58 -27.19
CA ALA B 155 4.28 -12.33 -27.86
C ALA B 155 5.31 -11.78 -26.88
N ARG B 156 4.84 -10.96 -25.94
CA ARG B 156 5.69 -10.38 -24.92
C ARG B 156 6.24 -11.46 -23.99
N ILE B 157 5.37 -12.39 -23.62
CA ILE B 157 5.76 -13.52 -22.78
C ILE B 157 6.77 -14.40 -23.49
N SER B 158 6.49 -14.73 -24.74
CA SER B 158 7.36 -15.57 -25.54
CA SER B 158 7.36 -15.57 -25.54
C SER B 158 8.72 -14.92 -25.75
N LYS B 159 8.71 -13.61 -26.00
CA LYS B 159 9.94 -12.86 -26.20
C LYS B 159 10.84 -12.91 -24.98
N GLU B 160 10.23 -12.81 -23.80
CA GLU B 160 11.01 -12.78 -22.56
C GLU B 160 11.62 -14.16 -22.27
N LEU B 161 10.92 -15.21 -22.68
CA LEU B 161 11.43 -16.56 -22.49
C LEU B 161 12.58 -16.86 -23.45
N GLU B 162 12.53 -16.24 -24.62
CA GLU B 162 13.61 -16.38 -25.59
C GLU B 162 14.84 -15.57 -25.17
N LYS B 163 14.60 -14.44 -24.51
CA LYS B 163 15.68 -13.60 -23.99
C LYS B 163 16.49 -14.36 -22.95
N HIS B 164 15.82 -15.26 -22.23
CA HIS B 164 16.47 -16.05 -21.19
C HIS B 164 16.27 -17.54 -21.40
N PRO B 165 17.03 -18.12 -22.35
CA PRO B 165 16.92 -19.54 -22.73
C PRO B 165 17.27 -20.48 -21.59
N GLU B 166 18.15 -20.05 -20.70
CA GLU B 166 18.55 -20.88 -19.57
C GLU B 166 17.42 -20.96 -18.55
N ILE B 167 16.71 -19.85 -18.36
CA ILE B 167 15.59 -19.82 -17.44
C ILE B 167 14.40 -20.57 -18.02
N LYS B 168 14.17 -20.38 -19.31
CA LYS B 168 13.08 -21.06 -20.02
C LYS B 168 13.22 -22.57 -19.91
N GLY B 169 14.44 -23.05 -20.08
CA GLY B 169 14.70 -24.49 -20.02
C GLY B 169 14.54 -25.06 -18.63
N LYS B 170 14.86 -24.26 -17.61
CA LYS B 170 14.86 -24.75 -16.24
C LYS B 170 13.45 -24.85 -15.65
N ILE B 171 12.59 -23.92 -16.02
CA ILE B 171 11.24 -23.88 -15.44
C ILE B 171 10.24 -24.71 -16.24
N LYS B 172 10.60 -25.05 -17.47
CA LYS B 172 9.70 -25.79 -18.35
C LYS B 172 9.49 -27.23 -17.87
N GLY B 173 8.22 -27.58 -17.62
CA GLY B 173 7.87 -28.92 -17.20
C GLY B 173 7.78 -29.08 -15.69
N LYS B 174 8.24 -28.07 -14.96
CA LYS B 174 8.20 -28.11 -13.50
C LYS B 174 6.77 -28.06 -12.97
N LYS B 175 6.45 -28.95 -12.05
CA LYS B 175 5.14 -28.94 -11.40
C LYS B 175 5.12 -27.90 -10.28
N VAL B 176 4.19 -26.95 -10.39
CA VAL B 176 4.16 -25.80 -9.49
C VAL B 176 2.82 -25.64 -8.79
N LEU B 177 2.85 -25.15 -7.55
CA LEU B 177 1.64 -24.73 -6.85
C LEU B 177 1.81 -23.30 -6.33
N PHE B 178 0.82 -22.46 -6.60
CA PHE B 178 0.78 -21.13 -6.04
C PHE B 178 0.01 -21.20 -4.74
N THR B 179 0.62 -20.74 -3.65
CA THR B 179 0.03 -20.88 -2.33
C THR B 179 0.10 -19.61 -1.50
N MET B 180 -0.67 -19.57 -0.43
CA MET B 180 -0.51 -18.52 0.58
CA MET B 180 -0.52 -18.52 0.57
C MET B 180 -0.22 -19.17 1.92
N ILE B 181 1.05 -19.15 2.31
CA ILE B 181 1.47 -19.77 3.55
C ILE B 181 1.97 -18.73 4.53
N ASN B 182 1.24 -18.57 5.64
CA ASN B 182 1.65 -17.66 6.68
C ASN B 182 2.56 -18.36 7.69
N ALA B 183 3.78 -17.84 7.84
CA ALA B 183 4.75 -18.44 8.75
C ALA B 183 4.33 -18.26 10.21
N ALA B 184 3.49 -17.26 10.46
CA ALA B 184 2.99 -17.01 11.81
C ALA B 184 2.03 -18.11 12.26
N ASP B 185 1.15 -18.52 11.35
CA ASP B 185 0.21 -19.61 11.62
C ASP B 185 0.28 -20.67 10.52
N THR B 186 1.05 -21.72 10.77
CA THR B 186 1.29 -22.75 9.77
C THR B 186 0.40 -23.98 9.94
N SER B 187 -0.69 -23.82 10.67
CA SER B 187 -1.64 -24.92 10.87
C SER B 187 -2.47 -25.14 9.61
N LYS B 188 -2.73 -24.04 8.90
CA LYS B 188 -3.48 -24.08 7.64
C LYS B 188 -2.83 -23.15 6.62
N PHE B 189 -3.05 -23.43 5.35
CA PHE B 189 -2.60 -22.53 4.29
C PHE B 189 -3.47 -22.67 3.06
N TRP B 190 -3.36 -21.71 2.15
CA TRP B 190 -4.21 -21.67 0.96
C TRP B 190 -3.50 -22.20 -0.27
N ILE B 191 -4.22 -22.95 -1.09
CA ILE B 191 -3.74 -23.34 -2.40
C ILE B 191 -4.67 -22.78 -3.47
N TYR B 192 -4.11 -22.02 -4.42
CA TYR B 192 -4.91 -21.46 -5.49
C TYR B 192 -5.11 -22.47 -6.61
N THR B 193 -6.37 -22.72 -6.96
CA THR B 193 -6.73 -23.76 -7.92
C THR B 193 -6.51 -23.30 -9.36
N SER B 194 -6.83 -24.17 -10.31
CA SER B 194 -6.59 -23.89 -11.72
C SER B 194 -7.54 -22.82 -12.27
N LYS B 195 -8.59 -22.52 -11.52
CA LYS B 195 -9.54 -21.49 -11.94
C LYS B 195 -9.07 -20.10 -11.56
N ASP B 196 -7.99 -20.01 -10.80
CA ASP B 196 -7.45 -18.71 -10.41
C ASP B 196 -6.42 -18.21 -11.43
N PRO B 197 -6.55 -16.94 -11.84
CA PRO B 197 -5.67 -16.35 -12.85
C PRO B 197 -4.20 -16.35 -12.46
N ARG B 198 -3.90 -16.27 -11.16
CA ARG B 198 -2.50 -16.18 -10.74
C ARG B 198 -1.85 -17.56 -10.80
N ALA B 199 -2.67 -18.61 -10.75
CA ALA B 199 -2.17 -19.96 -10.89
C ALA B 199 -2.01 -20.32 -12.37
N ASN B 200 -3.02 -20.00 -13.17
CA ASN B 200 -2.99 -20.35 -14.58
C ASN B 200 -1.96 -19.56 -15.37
N TYR B 201 -1.60 -18.38 -14.86
CA TYR B 201 -0.55 -17.56 -15.48
C TYR B 201 0.76 -18.34 -15.54
N LEU B 202 0.99 -19.17 -14.53
CA LEU B 202 2.19 -20.00 -14.47
C LEU B 202 2.28 -20.95 -15.67
N THR B 203 1.13 -21.44 -16.12
CA THR B 203 1.09 -22.37 -17.23
C THR B 203 1.44 -21.66 -18.54
N ASP B 204 1.30 -20.35 -18.57
CA ASP B 204 1.69 -19.56 -19.73
C ASP B 204 3.20 -19.40 -19.78
N LEU B 205 3.85 -19.66 -18.65
CA LEU B 205 5.29 -19.51 -18.54
C LEU B 205 6.02 -20.84 -18.70
N GLY B 206 5.25 -21.90 -18.97
CA GLY B 206 5.84 -23.20 -19.24
C GLY B 206 5.72 -24.20 -18.10
N LEU B 207 5.31 -23.73 -16.92
CA LEU B 207 5.13 -24.61 -15.78
C LEU B 207 3.79 -25.35 -15.86
N VAL B 208 3.66 -26.44 -15.12
CA VAL B 208 2.44 -27.23 -15.12
C VAL B 208 1.94 -27.47 -13.70
N PHE B 209 0.69 -27.90 -13.58
CA PHE B 209 0.12 -28.23 -12.29
C PHE B 209 0.36 -29.70 -11.96
N PRO B 210 0.60 -30.01 -10.68
CA PRO B 210 0.67 -31.40 -10.25
C PRO B 210 -0.70 -32.04 -10.26
N GLU B 211 -0.76 -33.36 -10.40
CA GLU B 211 -2.04 -34.07 -10.44
C GLU B 211 -2.81 -33.95 -9.13
N SER B 212 -2.10 -33.68 -8.05
CA SER B 212 -2.70 -33.57 -6.72
C SER B 212 -3.67 -32.40 -6.63
N LEU B 213 -3.48 -31.41 -7.48
CA LEU B 213 -4.30 -30.20 -7.48
C LEU B 213 -5.75 -30.51 -7.83
N LYS B 214 -5.97 -31.58 -8.60
CA LYS B 214 -7.31 -31.98 -9.01
C LYS B 214 -8.21 -32.34 -7.83
N GLU B 215 -7.59 -32.82 -6.74
CA GLU B 215 -8.33 -33.18 -5.54
C GLU B 215 -8.91 -31.95 -4.85
N PHE B 216 -8.21 -30.82 -5.00
CA PHE B 216 -8.60 -29.59 -4.33
C PHE B 216 -9.47 -28.70 -5.21
N GLU B 217 -9.74 -29.15 -6.43
CA GLU B 217 -10.53 -28.36 -7.38
C GLU B 217 -12.00 -28.35 -7.02
N SER B 218 -12.51 -27.17 -6.69
CA SER B 218 -13.94 -26.98 -6.47
C SER B 218 -14.47 -25.97 -7.48
N GLU B 219 -15.54 -26.33 -8.17
CA GLU B 219 -16.08 -25.50 -9.24
C GLU B 219 -16.53 -24.14 -8.72
N ASP B 220 -16.81 -24.06 -7.43
CA ASP B 220 -17.24 -22.80 -6.82
C ASP B 220 -16.18 -22.19 -5.90
N SER B 221 -14.91 -22.36 -6.23
CA SER B 221 -13.83 -21.80 -5.42
C SER B 221 -12.52 -21.59 -6.19
N PHE B 222 -11.91 -20.41 -6.00
CA PHE B 222 -10.65 -20.09 -6.65
C PHE B 222 -9.45 -20.51 -5.80
N ALA B 223 -9.72 -20.88 -4.55
CA ALA B 223 -8.66 -21.34 -3.64
C ALA B 223 -9.21 -22.30 -2.59
N LYS B 224 -8.38 -23.25 -2.18
CA LYS B 224 -8.78 -24.22 -1.18
C LYS B 224 -7.86 -24.13 0.04
N GLU B 225 -8.45 -24.15 1.22
CA GLU B 225 -7.67 -24.12 2.45
C GLU B 225 -7.51 -25.54 2.99
N ILE B 226 -6.27 -26.01 3.08
CA ILE B 226 -6.02 -27.35 3.61
C ILE B 226 -5.16 -27.30 4.86
N SER B 227 -5.26 -28.34 5.68
CA SER B 227 -4.52 -28.43 6.92
C SER B 227 -3.06 -28.81 6.70
N ALA B 228 -2.23 -28.55 7.69
CA ALA B 228 -0.82 -28.89 7.61
C ALA B 228 -0.60 -30.40 7.68
N GLU B 229 -1.57 -31.09 8.31
CA GLU B 229 -1.50 -32.54 8.43
C GLU B 229 -1.67 -33.23 7.08
N GLU B 230 -2.48 -32.62 6.21
CA GLU B 230 -2.73 -33.17 4.89
C GLU B 230 -1.84 -32.53 3.84
N ALA B 231 -0.82 -31.81 4.29
CA ALA B 231 0.07 -31.09 3.39
C ALA B 231 0.93 -32.03 2.56
N ASN B 232 1.09 -33.27 3.03
CA ASN B 232 1.90 -34.26 2.31
C ASN B 232 1.33 -34.60 0.94
N LYS B 233 0.09 -34.18 0.70
CA LYS B 233 -0.57 -34.45 -0.58
C LYS B 233 0.05 -33.66 -1.73
N ILE B 234 0.78 -32.60 -1.40
CA ILE B 234 1.38 -31.76 -2.43
C ILE B 234 2.89 -32.00 -2.55
N ASN B 235 3.33 -33.17 -2.11
CA ASN B 235 4.74 -33.56 -2.23
C ASN B 235 5.19 -33.73 -3.68
N ASP B 236 4.24 -33.82 -4.59
CA ASP B 236 4.54 -34.01 -6.00
C ASP B 236 4.86 -32.69 -6.70
N ALA B 237 4.68 -31.58 -5.98
CA ALA B 237 5.02 -30.27 -6.51
C ALA B 237 6.54 -30.07 -6.47
N ASP B 238 7.12 -29.72 -7.61
CA ASP B 238 8.55 -29.44 -7.70
C ASP B 238 8.87 -28.06 -7.12
N VAL B 239 7.99 -27.11 -7.39
CA VAL B 239 8.18 -25.73 -6.96
C VAL B 239 6.92 -25.20 -6.30
N ILE B 240 7.07 -24.49 -5.18
CA ILE B 240 5.96 -23.82 -4.55
C ILE B 240 6.16 -22.31 -4.57
N ILE B 241 5.11 -21.57 -4.93
CA ILE B 241 5.13 -20.12 -4.88
C ILE B 241 4.27 -19.64 -3.72
N THR B 242 4.76 -18.65 -2.97
CA THR B 242 4.00 -18.07 -1.88
C THR B 242 4.39 -16.62 -1.62
N TYR B 243 3.42 -15.83 -1.16
CA TYR B 243 3.73 -14.48 -0.70
C TYR B 243 4.48 -14.57 0.62
N GLY B 244 5.41 -13.66 0.86
CA GLY B 244 6.14 -13.64 2.11
C GLY B 244 7.25 -12.61 2.16
N ASP B 245 8.21 -12.82 3.05
CA ASP B 245 9.35 -11.93 3.17
C ASP B 245 10.65 -12.73 3.14
N ASP B 246 11.75 -12.08 3.56
CA ASP B 246 13.07 -12.70 3.50
C ASP B 246 13.30 -13.74 4.60
N LYS B 247 12.33 -13.87 5.50
CA LYS B 247 12.44 -14.84 6.59
C LYS B 247 11.45 -15.99 6.45
N THR B 248 10.59 -15.90 5.43
CA THR B 248 9.52 -16.87 5.25
C THR B 248 10.03 -18.29 4.99
N LEU B 249 11.00 -18.43 4.10
CA LEU B 249 11.46 -19.76 3.70
C LEU B 249 12.12 -20.51 4.85
N GLU B 250 13.01 -19.83 5.57
CA GLU B 250 13.72 -20.44 6.68
C GLU B 250 12.75 -20.88 7.78
N ALA B 251 11.70 -20.09 7.98
CA ALA B 251 10.69 -20.41 8.97
C ALA B 251 9.91 -21.67 8.57
N LEU B 252 9.59 -21.78 7.29
CA LEU B 252 8.83 -22.92 6.80
C LEU B 252 9.64 -24.21 6.83
N GLN B 253 10.93 -24.09 6.59
CA GLN B 253 11.80 -25.26 6.59
C GLN B 253 11.96 -25.83 8.00
N LYS B 254 11.87 -24.96 8.99
CA LYS B 254 11.99 -25.38 10.39
C LYS B 254 10.68 -25.90 10.95
N ASP B 255 9.60 -25.73 10.19
CA ASP B 255 8.29 -26.20 10.63
C ASP B 255 8.23 -27.73 10.60
N PRO B 256 7.77 -28.34 11.70
CA PRO B 256 7.74 -29.80 11.85
C PRO B 256 6.88 -30.51 10.79
N LEU B 257 5.92 -29.81 10.22
CA LEU B 257 5.04 -30.41 9.21
C LEU B 257 5.35 -29.88 7.81
N LEU B 258 5.36 -28.56 7.67
CA LEU B 258 5.58 -27.94 6.36
C LEU B 258 7.02 -28.13 5.89
N GLY B 259 7.93 -28.38 6.82
CA GLY B 259 9.32 -28.59 6.48
C GLY B 259 9.59 -29.96 5.88
N LYS B 260 8.57 -30.82 5.89
CA LYS B 260 8.71 -32.15 5.32
C LYS B 260 8.15 -32.19 3.91
N ILE B 261 7.64 -31.06 3.44
CA ILE B 261 7.14 -30.95 2.08
C ILE B 261 8.29 -30.80 1.09
N ASN B 262 8.25 -31.61 0.04
CA ASN B 262 9.36 -31.75 -0.91
C ASN B 262 9.95 -30.43 -1.41
N ALA B 263 9.11 -29.57 -1.97
CA ALA B 263 9.60 -28.32 -2.55
C ALA B 263 10.20 -27.40 -1.50
N ILE B 264 9.59 -27.41 -0.31
CA ILE B 264 10.05 -26.57 0.78
C ILE B 264 11.37 -27.09 1.34
N LYS B 265 11.44 -28.40 1.53
CA LYS B 265 12.65 -29.04 2.04
C LYS B 265 13.85 -28.75 1.15
N ASN B 266 13.62 -28.68 -0.17
CA ASN B 266 14.69 -28.47 -1.13
C ASN B 266 14.99 -27.00 -1.38
N GLY B 267 14.17 -26.12 -0.81
CA GLY B 267 14.35 -24.69 -1.01
C GLY B 267 13.84 -24.23 -2.35
N ALA B 268 13.09 -25.10 -3.04
CA ALA B 268 12.50 -24.73 -4.32
C ALA B 268 11.24 -23.94 -4.09
N VAL B 269 11.40 -22.75 -3.51
CA VAL B 269 10.27 -21.89 -3.20
C VAL B 269 10.51 -20.48 -3.69
N ALA B 270 9.61 -19.97 -4.52
CA ALA B 270 9.65 -18.57 -4.92
C ALA B 270 8.84 -17.76 -3.92
N VAL B 271 9.51 -16.95 -3.14
CA VAL B 271 8.82 -16.09 -2.17
C VAL B 271 8.60 -14.71 -2.75
N ILE B 272 7.35 -14.40 -3.06
CA ILE B 272 6.99 -13.10 -3.62
C ILE B 272 6.81 -12.08 -2.49
N PRO B 273 7.64 -11.04 -2.47
CA PRO B 273 7.62 -10.00 -1.44
C PRO B 273 6.22 -9.42 -1.25
N ASP B 274 5.66 -9.61 -0.05
CA ASP B 274 4.28 -9.24 0.22
C ASP B 274 4.03 -7.75 0.05
N ASN B 275 2.87 -7.43 -0.51
CA ASN B 275 2.37 -6.06 -0.64
C ASN B 275 3.26 -5.15 -1.50
N THR B 276 4.02 -5.75 -2.40
CA THR B 276 4.85 -5.01 -3.34
C THR B 276 4.22 -5.08 -4.73
N PRO B 277 4.58 -4.14 -5.63
CA PRO B 277 4.07 -4.19 -7.00
C PRO B 277 4.26 -5.55 -7.66
N LEU B 278 5.40 -6.18 -7.43
CA LEU B 278 5.65 -7.51 -7.98
C LEU B 278 4.63 -8.53 -7.47
N ALA B 279 4.26 -8.40 -6.19
CA ALA B 279 3.28 -9.31 -5.61
C ALA B 279 1.92 -9.11 -6.27
N ALA B 280 1.54 -7.85 -6.48
CA ALA B 280 0.26 -7.52 -7.08
C ALA B 280 0.15 -7.99 -8.53
N SER B 281 1.30 -8.16 -9.18
CA SER B 281 1.33 -8.51 -10.60
C SER B 281 1.07 -10.00 -10.82
N CYS B 282 1.06 -10.78 -9.75
CA CYS B 282 0.91 -12.23 -9.88
C CYS B 282 -0.44 -12.61 -10.45
N THR B 283 -1.45 -11.79 -10.18
CA THR B 283 -2.71 -11.86 -10.92
CA THR B 283 -2.71 -11.87 -10.92
C THR B 283 -2.61 -10.91 -12.10
N PRO B 284 -2.18 -11.43 -13.26
CA PRO B 284 -1.72 -10.63 -14.41
C PRO B 284 -2.77 -9.80 -15.13
N THR B 285 -2.33 -8.64 -15.60
CA THR B 285 -3.07 -7.81 -16.54
C THR B 285 -2.15 -7.58 -17.73
N PRO B 286 -2.68 -7.14 -18.87
CA PRO B 286 -1.79 -6.88 -20.01
C PRO B 286 -0.73 -5.81 -19.71
N LEU B 287 -1.01 -4.90 -18.78
CA LEU B 287 -0.04 -3.87 -18.41
C LEU B 287 1.00 -4.37 -17.42
N SER B 288 0.57 -5.18 -16.44
CA SER B 288 1.48 -5.65 -15.40
C SER B 288 2.48 -6.65 -15.95
N ILE B 289 2.04 -7.47 -16.89
CA ILE B 289 2.89 -8.50 -17.48
C ILE B 289 4.15 -7.90 -18.09
N ASN B 290 3.97 -6.91 -18.96
CA ASN B 290 5.12 -6.24 -19.57
C ASN B 290 6.04 -5.59 -18.54
N TYR B 291 5.43 -5.15 -17.44
CA TYR B 291 6.13 -4.39 -16.41
C TYR B 291 6.97 -5.27 -15.50
N THR B 292 6.56 -6.52 -15.29
CA THR B 292 7.18 -7.35 -14.25
C THR B 292 7.67 -8.73 -14.70
N ILE B 293 7.39 -9.13 -15.93
CA ILE B 293 7.65 -10.51 -16.35
C ILE B 293 9.13 -10.89 -16.26
N GLU B 294 10.03 -9.93 -16.49
CA GLU B 294 11.46 -10.23 -16.41
C GLU B 294 11.86 -10.55 -14.97
N GLU B 295 11.38 -9.75 -14.03
CA GLU B 295 11.68 -9.96 -12.63
C GLU B 295 11.06 -11.27 -12.14
N TYR B 296 9.80 -11.50 -12.51
CA TYR B 296 9.07 -12.69 -12.13
C TYR B 296 9.78 -13.95 -12.63
N LEU B 297 10.21 -13.94 -13.89
CA LEU B 297 10.92 -15.07 -14.48
C LEU B 297 12.22 -15.38 -13.75
N ASN B 298 12.95 -14.33 -13.36
CA ASN B 298 14.18 -14.52 -12.59
C ASN B 298 13.89 -15.21 -11.26
N LEU B 299 12.83 -14.75 -10.60
CA LEU B 299 12.43 -15.32 -9.32
C LEU B 299 12.03 -16.78 -9.46
N LEU B 300 11.26 -17.08 -10.49
CA LEU B 300 10.83 -18.45 -10.75
C LEU B 300 11.99 -19.33 -11.18
N GLY B 301 12.91 -18.76 -11.93
CA GLY B 301 14.07 -19.49 -12.41
C GLY B 301 14.95 -19.98 -11.28
N ASN B 302 15.18 -19.11 -10.30
CA ASN B 302 16.03 -19.45 -9.17
C ASN B 302 15.41 -20.52 -8.28
N ALA B 303 14.09 -20.48 -8.13
CA ALA B 303 13.39 -21.47 -7.32
C ALA B 303 13.46 -22.84 -7.98
N CYS B 304 13.33 -22.85 -9.31
CA CYS B 304 13.35 -24.10 -10.07
C CYS B 304 14.73 -24.74 -10.08
N LYS B 305 15.76 -23.95 -9.83
CA LYS B 305 17.13 -24.46 -9.78
C LYS B 305 17.32 -25.34 -8.55
N ASN B 306 16.52 -25.10 -7.52
CA ASN B 306 16.60 -25.87 -6.29
C ASN B 306 15.70 -27.10 -6.33
N ALA B 307 14.83 -27.16 -7.34
CA ALA B 307 13.93 -28.30 -7.49
C ALA B 307 14.70 -29.54 -7.94
N LYS B 308 14.37 -30.67 -7.33
CA LYS B 308 15.02 -31.93 -7.66
C LYS B 308 14.07 -32.90 -8.35
FE FE C . 1.25 12.43 1.82
CBA 6L0 D . -2.14 14.01 3.21
CAX 6L0 D . -3.17 14.29 2.13
CBJ 6L0 D . -3.11 15.56 1.30
OAC 6L0 D . -2.92 16.87 1.75
NBG 6L0 D . -2.63 15.45 -0.03
CAU 6L0 D . -2.03 16.66 -0.42
CAO 6L0 D . -1.08 16.06 -1.42
CAL 6L0 D . 0.39 16.01 -1.05
CAR 6L0 D . 1.89 16.07 -0.93
CBC 6L0 D . 2.28 14.70 -1.43
NBO 6L0 D . 2.08 13.61 -0.54
OAH 6L0 D . 2.53 13.67 0.75
CBL 6L0 D . 1.28 12.50 -0.96
OAE 6L0 D . 0.86 11.67 -0.17
CAZ 6L0 D . 0.99 12.56 -2.45
CAW 6L0 D . 0.51 11.17 -2.79
OAA 6L0 D . 1.94 9.66 -3.21
CBH 6L0 D . 0.70 9.69 -2.55
NBE 6L0 D . 1.07 8.60 -1.72
CAS 6L0 D . 2.04 7.57 -1.74
CAM 6L0 D . 2.63 7.78 -0.37
CAJ 6L0 D . 2.88 8.77 0.74
CAP 6L0 D . 3.93 8.70 1.82
CBB 6L0 D . 3.17 8.95 3.10
NBN 6L0 D . 2.23 9.98 2.89
OAG 6L0 D . 2.80 11.16 2.49
CBK 6L0 D . 0.86 9.75 3.13
OAD 6L0 D . 0.30 10.74 2.71
CAY 6L0 D . 0.37 8.39 3.60
CAV 6L0 D . -1.08 8.61 3.98
CBI 6L0 D . -1.76 9.59 4.91
OAB 6L0 D . -3.15 9.83 4.96
NBF 6L0 D . -1.35 9.76 6.25
CAT 6L0 D . 0.04 9.75 6.49
CAN 6L0 D . 0.69 11.01 7.00
CAK 6L0 D . -0.52 11.84 7.36
CAQ 6L0 D . 0.02 12.81 6.32
CBD 6L0 D . -0.09 14.13 5.58
NBP 6L0 D . 0.08 14.23 4.09
CBM 6L0 D . -0.66 13.85 2.93
OAF 6L0 D . -0.59 13.43 1.79
OAI 6L0 D . 1.16 13.71 3.43
CL CL E . 28.66 4.21 14.36
C1 GOL F . 7.39 19.92 23.91
O1 GOL F . 8.68 20.34 24.32
C2 GOL F . 6.63 21.10 23.32
O2 GOL F . 7.54 22.10 22.92
C3 GOL F . 5.83 20.63 22.11
O3 GOL F . 4.91 21.62 21.72
C1 GOL G . 27.00 7.35 -6.68
O1 GOL G . 26.43 6.37 -5.85
C2 GOL G . 28.28 7.90 -6.06
O2 GOL G . 28.86 6.92 -5.23
C3 GOL G . 29.27 8.26 -7.17
O3 GOL G . 28.69 9.24 -8.00
FE FE H . -6.69 -13.04 -2.00
CBA 6L0 I . -10.58 -12.12 -2.70
CAX 6L0 I . -11.64 -12.17 -1.62
CBJ 6L0 I . -11.86 -13.42 -0.78
OAC 6L0 I . -12.54 -14.48 -1.41
NBG 6L0 I . -11.29 -14.03 0.36
CAU 6L0 I . -11.52 -15.41 0.59
CAO 6L0 I . -10.30 -16.02 1.27
CAL 6L0 I . -8.99 -16.21 0.57
CAR 6L0 I . -7.97 -17.09 -0.13
CBC 6L0 I . -6.61 -16.57 0.27
NBO 6L0 I . -6.39 -15.17 0.07
OAH 6L0 I . -6.15 -15.05 -1.27
CBL 6L0 I . -6.49 -13.92 0.72
OAE 6L0 I . -6.30 -12.86 0.13
CAZ 6L0 I . -6.52 -14.26 2.20
CAW 6L0 I . -6.27 -12.93 2.89
OAA 6L0 I . -3.87 -12.70 3.30
CBH 6L0 I . -5.05 -12.05 2.93
NBE 6L0 I . -4.66 -10.85 2.28
CAS 6L0 I . -3.32 -10.48 1.95
CAM 6L0 I . -2.37 -11.11 0.96
CAJ 6L0 I . -3.09 -10.95 -0.37
CAP 6L0 I . -2.33 -11.42 -1.58
CBB 6L0 I . -3.01 -11.26 -2.93
NBN 6L0 I . -4.42 -11.32 -2.88
OAG 6L0 I . -4.65 -12.66 -2.73
CBK 6L0 I . -5.46 -10.39 -2.65
OAD 6L0 I . -6.50 -10.96 -2.34
CAY 6L0 I . -5.43 -8.89 -2.56
CAV 6L0 I . -6.88 -8.47 -2.66
CBI 6L0 I . -7.96 -8.40 -3.73
OAB 6L0 I . -9.22 -7.92 -3.35
NBF 6L0 I . -7.71 -8.41 -5.13
CAT 6L0 I . -6.74 -9.09 -5.91
CAN 6L0 I . -7.02 -10.23 -6.88
CAK 6L0 I . -8.47 -10.36 -6.47
CAQ 6L0 I . -8.73 -11.72 -5.88
CBD 6L0 I . -9.33 -13.02 -5.39
NBP 6L0 I . -8.79 -13.15 -3.99
CBM 6L0 I . -9.25 -12.86 -2.68
OAF 6L0 I . -8.82 -12.84 -1.55
OAI 6L0 I . -7.53 -13.66 -3.83
C1 GOL J . 11.27 -3.33 -15.49
O1 GOL J . 11.70 -4.54 -16.06
C2 GOL J . 10.91 -2.35 -16.59
O2 GOL J . 10.52 -3.06 -17.75
C3 GOL J . 9.76 -1.45 -16.14
O3 GOL J . 9.53 -0.46 -17.10
C1 GOL K . -22.62 -17.22 -8.39
O1 GOL K . -22.79 -15.90 -8.85
C2 GOL K . -21.86 -17.23 -7.07
O2 GOL K . -21.97 -15.97 -6.44
C3 GOL K . -22.42 -18.32 -6.15
O3 GOL K . -22.24 -19.57 -6.76
#